data_4J6C
#
_entry.id   4J6C
#
_cell.length_a   102.999
_cell.length_b   102.999
_cell.length_c   217.860
_cell.angle_alpha   90.000
_cell.angle_beta   90.000
_cell.angle_gamma   120.000
#
_symmetry.space_group_name_H-M   'H 3'
#
loop_
_entity.id
_entity.type
_entity.pdbx_description
1 polymer 'Cytochrome P450 monooxygenase'
2 non-polymer PROGESTERONE
3 non-polymer 'PROTOPORPHYRIN IX CONTAINING FE'
4 non-polymer 'MAGNESIUM ION'
5 non-polymer 'FORMIC ACID'
6 non-polymer 'POTASSIUM ION'
7 water water
#
_entity_poly.entity_id   1
_entity_poly.type   'polypeptide(L)'
_entity_poly.pdbx_seq_one_letter_code
;MNACPHSDTLTIDPMITDLAGETSRLRAAGPLTRIDLLGVPALAVTGHTLARQLLTDTRLVKDINAWSLWQSGTVTRQWP
LIGMIDVDRSMFTVDGPEHRRLRIKTTQALTRRRLDALKPTIERYVAELLDDLERAGADGAVVDLKSVFAYPLPMRVISA
LMGVPSEDQEQLLTWYKAFFSILTPQDERLRVIDEMHGYFTEMVRRKTAEPGDDLTSALIYATDGETPLTEEEVIGNLQA
LVAAGHETTVSLILTAVRALLSHPEQLRLVRDGEIGWETAIEETLRWDGPVIHLLMRFATEDIDLGDAVIPRGEGVVMSY
RAIGRDITVHGADADDFDITRATAARHISFGHGPHICPGAALARLEAAIALPALFTRFPHLHPALPLDQIPNLPVLTQND
LSHFPIHLGR
;
_entity_poly.pdbx_strand_id   A,B
#
# COMPACT_ATOMS: atom_id res chain seq x y z
N CYS A 4 3.01 5.00 -3.89
CA CYS A 4 3.31 3.82 -3.04
C CYS A 4 3.89 4.21 -1.68
N PRO A 5 3.05 4.81 -0.81
CA PRO A 5 3.41 5.26 0.55
C PRO A 5 4.07 4.16 1.40
N HIS A 6 5.07 4.55 2.20
CA HIS A 6 5.89 3.60 2.95
C HIS A 6 5.06 2.64 3.75
N SER A 7 5.37 1.36 3.62
CA SER A 7 4.79 0.34 4.48
C SER A 7 5.86 -0.65 4.92
N ASP A 8 5.68 -1.21 6.11
CA ASP A 8 6.63 -2.18 6.67
C ASP A 8 6.18 -3.61 6.37
N THR A 9 5.05 -3.71 5.70
CA THR A 9 4.61 -4.99 5.13
C THR A 9 4.46 -4.85 3.63
N LEU A 10 5.04 -5.78 2.88
CA LEU A 10 4.98 -5.72 1.45
C LEU A 10 3.90 -6.64 0.93
N THR A 11 2.85 -6.05 0.35
CA THR A 11 1.79 -6.85 -0.24
C THR A 11 2.19 -7.33 -1.62
N ILE A 12 2.16 -8.65 -1.82
CA ILE A 12 2.40 -9.22 -3.12
C ILE A 12 1.14 -9.05 -3.96
N ASP A 13 1.25 -8.25 -5.02
CA ASP A 13 0.16 -8.01 -5.93
C ASP A 13 -0.16 -9.31 -6.69
N PRO A 14 -1.36 -9.87 -6.48
CA PRO A 14 -1.75 -11.11 -7.18
C PRO A 14 -2.08 -10.92 -8.70
N MET A 15 -2.12 -9.66 -9.18
CA MET A 15 -2.32 -9.38 -10.64
C MET A 15 -0.97 -9.21 -11.34
N ILE A 16 0.10 -9.26 -10.56
CA ILE A 16 1.45 -9.22 -11.10
C ILE A 16 1.63 -8.03 -12.03
N THR A 17 1.16 -6.88 -11.57
CA THR A 17 1.16 -5.65 -12.32
C THR A 17 2.54 -4.98 -12.36
N ASP A 18 3.35 -5.19 -11.34
CA ASP A 18 4.71 -4.61 -11.31
C ASP A 18 5.70 -5.58 -10.69
N LEU A 19 6.06 -6.62 -11.43
CA LEU A 19 6.98 -7.64 -10.92
C LEU A 19 8.40 -7.06 -10.71
N ALA A 20 8.84 -6.23 -11.64
CA ALA A 20 10.17 -5.60 -11.52
C ALA A 20 10.23 -4.73 -10.27
N GLY A 21 9.25 -3.84 -10.12
CA GLY A 21 9.17 -2.98 -8.94
C GLY A 21 9.08 -3.80 -7.68
N GLU A 22 8.25 -4.81 -7.71
CA GLU A 22 8.02 -5.61 -6.55
C GLU A 22 9.28 -6.40 -6.15
N THR A 23 9.95 -6.99 -7.14
CA THR A 23 11.16 -7.77 -6.89
C THR A 23 12.30 -6.86 -6.31
N SER A 24 12.41 -5.65 -6.83
CA SER A 24 13.40 -4.71 -6.32
C SER A 24 13.06 -4.28 -4.88
N ARG A 25 11.79 -3.99 -4.60
CA ARG A 25 11.35 -3.65 -3.24
C ARG A 25 11.67 -4.77 -2.24
N LEU A 26 11.52 -6.02 -2.66
CA LEU A 26 11.83 -7.17 -1.79
C LEU A 26 13.31 -7.26 -1.52
N ARG A 27 14.14 -7.03 -2.55
CA ARG A 27 15.57 -7.05 -2.38
C ARG A 27 15.99 -5.94 -1.41
N ALA A 28 15.39 -4.77 -1.58
CA ALA A 28 15.75 -3.59 -0.79
C ALA A 28 15.34 -3.76 0.66
N ALA A 29 14.22 -4.42 0.87
CA ALA A 29 13.67 -4.60 2.20
C ALA A 29 14.30 -5.81 2.94
N GLY A 30 15.11 -6.59 2.23
CA GLY A 30 15.58 -7.90 2.72
C GLY A 30 16.87 -7.80 3.50
N PRO A 31 17.48 -8.95 3.84
CA PRO A 31 17.22 -10.31 3.27
C PRO A 31 16.05 -11.08 3.92
N LEU A 32 15.48 -10.54 5.00
CA LEU A 32 14.26 -11.10 5.62
C LEU A 32 13.25 -9.96 5.83
N THR A 33 12.07 -10.06 5.23
CA THR A 33 11.10 -8.99 5.32
C THR A 33 9.67 -9.50 5.39
N ARG A 34 8.78 -8.70 5.99
CA ARG A 34 7.39 -9.11 6.17
C ARG A 34 6.61 -8.91 4.88
N ILE A 35 5.86 -9.95 4.47
CA ILE A 35 4.99 -9.83 3.32
C ILE A 35 3.56 -10.21 3.66
N ASP A 36 2.66 -9.89 2.74
CA ASP A 36 1.27 -10.18 2.89
C ASP A 36 0.79 -10.92 1.63
N LEU A 37 0.30 -12.14 1.84
CA LEU A 37 -0.17 -13.00 0.76
C LEU A 37 -1.72 -13.08 0.84
N LEU A 38 -2.40 -12.24 0.08
CA LEU A 38 -3.87 -12.19 0.10
C LEU A 38 -4.44 -12.17 1.55
N GLY A 39 -3.94 -11.25 2.38
CA GLY A 39 -4.43 -11.07 3.74
C GLY A 39 -3.75 -11.95 4.78
N VAL A 40 -2.78 -12.74 4.36
CA VAL A 40 -2.04 -13.64 5.27
C VAL A 40 -0.59 -13.22 5.38
N PRO A 41 -0.11 -13.01 6.64
CA PRO A 41 1.24 -12.53 6.86
C PRO A 41 2.25 -13.67 6.80
N ALA A 42 3.42 -13.39 6.23
CA ALA A 42 4.53 -14.31 6.30
C ALA A 42 5.81 -13.52 6.25
N LEU A 43 6.92 -14.18 6.54
CA LEU A 43 8.25 -13.64 6.22
C LEU A 43 8.73 -14.13 4.87
N ALA A 44 9.31 -13.22 4.10
CA ALA A 44 10.01 -13.57 2.87
C ALA A 44 11.54 -13.52 3.06
N VAL A 45 12.20 -14.58 2.61
CA VAL A 45 13.62 -14.61 2.50
C VAL A 45 14.05 -14.21 1.10
N THR A 46 14.75 -13.06 1.00
CA THR A 46 15.01 -12.43 -0.31
C THR A 46 16.49 -12.33 -0.59
N GLY A 47 17.31 -12.79 0.34
CA GLY A 47 18.76 -12.79 0.17
C GLY A 47 19.33 -14.18 -0.07
N HIS A 48 20.37 -14.24 -0.90
CA HIS A 48 20.97 -15.53 -1.34
C HIS A 48 21.58 -16.31 -0.19
N THR A 49 22.49 -15.68 0.55
CA THR A 49 23.18 -16.36 1.65
C THR A 49 22.22 -16.81 2.77
N LEU A 50 21.30 -15.92 3.15
CA LEU A 50 20.34 -16.27 4.20
C LEU A 50 19.42 -17.42 3.73
N ALA A 51 19.01 -17.37 2.47
CA ALA A 51 18.21 -18.47 1.88
C ALA A 51 18.93 -19.83 2.01
N ARG A 52 20.22 -19.85 1.71
CA ARG A 52 20.98 -21.07 1.74
C ARG A 52 21.07 -21.63 3.17
N GLN A 53 21.35 -20.75 4.13
CA GLN A 53 21.38 -21.14 5.53
C GLN A 53 20.02 -21.72 5.98
N LEU A 54 18.93 -21.03 5.65
CA LEU A 54 17.61 -21.41 6.15
C LEU A 54 17.07 -22.65 5.44
N LEU A 55 17.46 -22.85 4.18
CA LEU A 55 17.02 -24.02 3.42
C LEU A 55 17.69 -25.32 3.96
N THR A 56 18.73 -25.16 4.79
CA THR A 56 19.35 -26.29 5.46
C THR A 56 19.07 -26.30 6.97
N ASP A 57 18.25 -25.34 7.45
CA ASP A 57 17.94 -25.27 8.88
C ASP A 57 16.80 -26.23 9.24
N THR A 58 17.09 -27.19 10.11
CA THR A 58 16.15 -28.27 10.40
C THR A 58 14.93 -27.77 11.24
N ARG A 59 14.99 -26.53 11.72
CA ARG A 59 13.88 -25.94 12.49
C ARG A 59 12.80 -25.32 11.57
N LEU A 60 13.01 -25.45 10.26
CA LEU A 60 12.04 -24.99 9.29
C LEU A 60 11.50 -26.18 8.52
N VAL A 61 10.21 -26.43 8.67
CA VAL A 61 9.58 -27.62 8.13
C VAL A 61 8.39 -27.25 7.21
N LYS A 62 8.04 -28.18 6.34
CA LYS A 62 6.99 -27.98 5.37
C LYS A 62 5.62 -28.23 5.99
N ASP A 63 5.59 -29.08 7.01
CA ASP A 63 4.32 -29.58 7.63
C ASP A 63 3.45 -28.43 8.09
N ILE A 64 2.27 -28.33 7.47
CA ILE A 64 1.37 -27.20 7.70
C ILE A 64 0.85 -27.17 9.13
N ASN A 65 0.84 -28.32 9.80
CA ASN A 65 0.40 -28.38 11.19
C ASN A 65 1.35 -27.65 12.14
N ALA A 66 2.52 -27.24 11.60
CA ALA A 66 3.50 -26.42 12.35
C ALA A 66 3.22 -24.92 12.24
N TRP A 67 2.16 -24.58 11.50
CA TRP A 67 1.86 -23.19 11.21
C TRP A 67 0.88 -22.68 12.23
N SER A 68 1.29 -21.68 13.00
CA SER A 68 0.44 -21.17 14.07
C SER A 68 -0.93 -20.75 13.53
N LEU A 69 -0.96 -20.17 12.33
CA LEU A 69 -2.20 -19.69 11.76
C LEU A 69 -3.09 -20.85 11.30
N TRP A 70 -2.47 -21.99 11.02
CA TRP A 70 -3.22 -23.22 10.72
C TRP A 70 -3.73 -23.87 11.97
N GLN A 71 -2.92 -23.84 13.01
CA GLN A 71 -3.30 -24.38 14.30
C GLN A 71 -4.52 -23.64 14.88
N SER A 72 -4.55 -22.33 14.67
CA SER A 72 -5.54 -21.46 15.28
C SER A 72 -6.80 -21.38 14.43
N GLY A 73 -6.72 -21.92 13.22
CA GLY A 73 -7.86 -21.89 12.31
C GLY A 73 -8.02 -20.54 11.63
N THR A 74 -6.98 -19.71 11.72
CA THR A 74 -7.00 -18.39 11.10
C THR A 74 -6.94 -18.50 9.56
N VAL A 75 -6.12 -19.42 9.08
CA VAL A 75 -6.08 -19.77 7.67
C VAL A 75 -6.81 -21.09 7.44
N THR A 76 -7.61 -21.14 6.37
CA THR A 76 -8.41 -22.33 6.05
C THR A 76 -8.29 -22.67 4.56
N ARG A 77 -9.10 -23.63 4.10
CA ARG A 77 -9.10 -23.98 2.65
C ARG A 77 -9.72 -22.89 1.78
N GLN A 78 -10.27 -21.85 2.41
CA GLN A 78 -10.83 -20.74 1.64
C GLN A 78 -9.74 -19.80 1.12
N TRP A 79 -8.55 -19.89 1.70
CA TRP A 79 -7.43 -19.05 1.28
C TRP A 79 -7.00 -19.47 -0.12
N PRO A 80 -6.94 -18.51 -1.07
CA PRO A 80 -6.75 -18.88 -2.47
C PRO A 80 -5.43 -19.55 -2.80
N LEU A 81 -4.43 -19.43 -1.90
CA LEU A 81 -3.11 -20.04 -2.09
C LEU A 81 -2.94 -21.39 -1.35
N ILE A 82 -4.01 -21.87 -0.74
CA ILE A 82 -3.90 -22.99 0.19
C ILE A 82 -3.53 -24.30 -0.53
N GLY A 83 -3.92 -24.44 -1.78
CA GLY A 83 -3.60 -25.64 -2.54
C GLY A 83 -2.11 -25.77 -2.85
N MET A 84 -1.35 -24.69 -2.64
CA MET A 84 0.10 -24.73 -2.87
C MET A 84 0.83 -25.41 -1.72
N ILE A 85 0.15 -25.57 -0.57
CA ILE A 85 0.82 -26.12 0.62
C ILE A 85 0.05 -27.26 1.33
N ASP A 86 -1.29 -27.18 1.37
CA ASP A 86 -2.08 -28.20 2.05
C ASP A 86 -2.36 -29.35 1.10
N VAL A 87 -1.32 -30.15 0.86
CA VAL A 87 -1.37 -31.29 -0.07
C VAL A 87 -0.98 -32.59 0.66
N ASP A 88 -1.10 -33.72 -0.02
CA ASP A 88 -0.89 -35.02 0.59
C ASP A 88 0.59 -35.30 0.89
N ARG A 89 0.84 -36.38 1.65
CA ARG A 89 2.18 -36.79 1.98
C ARG A 89 3.00 -37.10 0.73
N SER A 90 4.17 -36.47 0.63
CA SER A 90 5.08 -36.69 -0.51
C SER A 90 6.45 -36.12 -0.16
N MET A 91 7.41 -36.23 -1.08
CA MET A 91 8.74 -35.63 -0.87
C MET A 91 8.62 -34.11 -0.57
N PHE A 92 7.53 -33.49 -1.07
CA PHE A 92 7.32 -32.06 -1.01
C PHE A 92 6.97 -31.59 0.41
N THR A 93 6.32 -32.46 1.20
CA THR A 93 5.71 -32.05 2.49
C THR A 93 6.46 -32.66 3.69
N VAL A 94 7.47 -33.50 3.41
CA VAL A 94 8.16 -34.26 4.46
C VAL A 94 9.55 -33.68 4.71
N ASP A 95 9.98 -33.76 5.95
CA ASP A 95 11.36 -33.40 6.33
C ASP A 95 11.97 -34.48 7.21
N GLY A 96 13.30 -34.47 7.31
CA GLY A 96 14.00 -35.37 8.21
C GLY A 96 14.25 -36.71 7.56
N PRO A 97 14.60 -37.73 8.38
CA PRO A 97 15.05 -39.03 7.91
C PRO A 97 14.07 -39.71 6.95
N GLU A 98 12.77 -39.42 7.12
CA GLU A 98 11.73 -40.01 6.24
C GLU A 98 11.79 -39.43 4.82
N HIS A 99 12.37 -38.25 4.69
CA HIS A 99 12.36 -37.54 3.43
C HIS A 99 13.14 -38.26 2.34
N ARG A 100 14.30 -38.82 2.68
CA ARG A 100 15.15 -39.43 1.65
C ARG A 100 14.42 -40.61 0.94
N ARG A 101 13.69 -41.43 1.69
CA ARG A 101 12.94 -42.57 1.16
C ARG A 101 11.96 -42.08 0.09
N LEU A 102 11.39 -40.92 0.34
CA LEU A 102 10.37 -40.38 -0.56
C LEU A 102 10.98 -39.77 -1.83
N ARG A 103 12.29 -39.51 -1.81
CA ARG A 103 12.99 -38.90 -2.95
C ARG A 103 13.77 -39.88 -3.85
N ILE A 104 14.19 -41.02 -3.29
CA ILE A 104 15.32 -41.74 -3.84
C ILE A 104 15.04 -42.33 -5.23
N LYS A 105 13.89 -42.99 -5.41
CA LYS A 105 13.57 -43.56 -6.71
C LYS A 105 13.50 -42.48 -7.79
N THR A 106 13.01 -41.29 -7.42
CA THR A 106 12.90 -40.19 -8.39
C THR A 106 14.26 -39.61 -8.79
N THR A 107 15.14 -39.42 -7.80
CA THR A 107 16.45 -38.86 -8.08
C THR A 107 17.26 -39.88 -8.91
N GLN A 108 17.13 -41.15 -8.59
CA GLN A 108 17.82 -42.19 -9.38
C GLN A 108 17.30 -42.19 -10.82
N ALA A 109 16.00 -41.99 -10.98
CA ALA A 109 15.39 -42.03 -12.32
C ALA A 109 15.76 -40.80 -13.16
N LEU A 110 16.12 -39.72 -12.48
CA LEU A 110 16.30 -38.42 -13.15
C LEU A 110 17.78 -37.97 -13.12
N THR A 111 18.68 -38.93 -12.94
CA THR A 111 20.06 -38.68 -13.15
C THR A 111 20.31 -38.42 -14.64
N ARG A 112 21.34 -37.64 -14.94
CA ARG A 112 21.69 -37.32 -16.32
C ARG A 112 21.79 -38.60 -17.18
N ARG A 113 22.46 -39.62 -16.67
CA ARG A 113 22.69 -40.81 -17.45
C ARG A 113 21.39 -41.57 -17.69
N ARG A 114 20.54 -41.67 -16.67
CA ARG A 114 19.22 -42.30 -16.84
C ARG A 114 18.35 -41.50 -17.83
N LEU A 115 18.55 -40.20 -17.87
CA LEU A 115 17.79 -39.32 -18.77
C LEU A 115 18.24 -39.44 -20.25
N ASP A 116 19.43 -40.00 -20.48
CA ASP A 116 19.88 -40.29 -21.84
C ASP A 116 18.84 -41.08 -22.61
N ALA A 117 18.19 -42.02 -21.92
CA ALA A 117 17.23 -42.91 -22.54
C ALA A 117 15.96 -42.18 -22.95
N LEU A 118 15.69 -41.06 -22.30
CA LEU A 118 14.49 -40.25 -22.59
C LEU A 118 14.75 -39.21 -23.68
N LYS A 119 16.00 -39.04 -24.05
CA LYS A 119 16.37 -37.98 -24.97
C LYS A 119 15.65 -38.08 -26.34
N PRO A 120 15.59 -39.29 -26.93
CA PRO A 120 14.90 -39.45 -28.24
C PRO A 120 13.45 -38.98 -28.18
N THR A 121 12.78 -39.29 -27.08
CA THR A 121 11.39 -38.88 -26.87
C THR A 121 11.29 -37.37 -26.84
N ILE A 122 12.15 -36.73 -26.05
CA ILE A 122 12.18 -35.25 -26.02
C ILE A 122 12.43 -34.70 -27.44
N GLU A 123 13.38 -35.29 -28.14
CA GLU A 123 13.70 -34.85 -29.51
C GLU A 123 12.51 -35.01 -30.46
N ARG A 124 11.79 -36.12 -30.33
CA ARG A 124 10.60 -36.32 -31.17
C ARG A 124 9.51 -35.26 -30.89
N TYR A 125 9.27 -34.96 -29.63
CA TYR A 125 8.25 -33.97 -29.27
C TYR A 125 8.65 -32.55 -29.69
N VAL A 126 9.94 -32.21 -29.54
CA VAL A 126 10.43 -30.92 -30.01
C VAL A 126 10.21 -30.79 -31.51
N ALA A 127 10.58 -31.83 -32.25
CA ALA A 127 10.43 -31.83 -33.71
C ALA A 127 8.95 -31.72 -34.11
N GLU A 128 8.09 -32.48 -33.44
CA GLU A 128 6.63 -32.41 -33.68
C GLU A 128 6.06 -31.01 -33.47
N LEU A 129 6.46 -30.36 -32.39
CA LEU A 129 5.89 -29.08 -32.04
C LEU A 129 6.48 -27.95 -32.92
N LEU A 130 7.70 -28.16 -33.40
CA LEU A 130 8.27 -27.23 -34.40
C LEU A 130 7.52 -27.34 -35.74
N ASP A 131 7.16 -28.57 -36.12
CA ASP A 131 6.30 -28.78 -37.29
C ASP A 131 4.99 -27.98 -37.12
N ASP A 132 4.42 -28.01 -35.91
CA ASP A 132 3.18 -27.25 -35.61
C ASP A 132 3.44 -25.74 -35.76
N LEU A 133 4.57 -25.28 -35.26
CA LEU A 133 4.96 -23.87 -35.34
C LEU A 133 5.05 -23.47 -36.83
N GLU A 134 5.72 -24.30 -37.63
N GLU A 134 5.72 -24.30 -37.61
CA GLU A 134 5.84 -24.03 -39.06
CA GLU A 134 5.85 -24.08 -39.05
C GLU A 134 4.46 -23.90 -39.70
C GLU A 134 4.47 -23.92 -39.71
N ARG A 135 3.55 -24.80 -39.36
CA ARG A 135 2.21 -24.82 -39.94
C ARG A 135 1.46 -23.56 -39.50
N ALA A 136 1.57 -23.26 -38.22
CA ALA A 136 0.84 -22.14 -37.64
C ALA A 136 1.35 -20.81 -38.21
N GLY A 137 2.65 -20.73 -38.48
CA GLY A 137 3.28 -19.48 -38.85
C GLY A 137 3.35 -19.26 -40.35
N ALA A 138 2.67 -20.11 -41.11
CA ALA A 138 2.69 -20.03 -42.57
C ALA A 138 2.13 -18.70 -43.08
N ASP A 139 2.56 -18.31 -44.27
CA ASP A 139 2.12 -17.07 -44.90
C ASP A 139 2.24 -15.89 -43.97
N GLY A 140 3.30 -15.91 -43.16
CA GLY A 140 3.71 -14.75 -42.34
C GLY A 140 2.81 -14.49 -41.16
N ALA A 141 1.98 -15.45 -40.78
CA ALA A 141 0.94 -15.20 -39.79
C ALA A 141 1.56 -15.09 -38.37
N VAL A 142 0.93 -14.33 -37.49
CA VAL A 142 1.39 -14.24 -36.08
C VAL A 142 1.02 -15.53 -35.34
N VAL A 143 1.98 -16.09 -34.59
CA VAL A 143 1.82 -17.34 -33.86
C VAL A 143 2.09 -17.13 -32.37
N ASP A 144 1.35 -17.83 -31.52
CA ASP A 144 1.65 -17.86 -30.09
C ASP A 144 2.67 -18.96 -29.78
N LEU A 145 3.91 -18.55 -29.56
CA LEU A 145 4.98 -19.52 -29.20
C LEU A 145 4.63 -20.36 -27.95
N LYS A 146 3.84 -19.79 -27.03
CA LYS A 146 3.45 -20.55 -25.83
C LYS A 146 2.47 -21.69 -26.19
N SER A 147 1.27 -21.34 -26.69
CA SER A 147 0.26 -22.38 -26.94
C SER A 147 0.74 -23.45 -27.95
N VAL A 148 1.58 -23.07 -28.91
CA VAL A 148 1.97 -24.00 -29.98
C VAL A 148 3.18 -24.88 -29.59
N PHE A 149 4.11 -24.33 -28.82
CA PHE A 149 5.39 -24.99 -28.59
C PHE A 149 5.72 -25.19 -27.10
N ALA A 150 5.88 -24.08 -26.35
CA ALA A 150 6.43 -24.14 -25.00
C ALA A 150 5.47 -24.79 -23.99
N TYR A 151 4.18 -24.51 -24.13
CA TYR A 151 3.15 -25.01 -23.19
C TYR A 151 2.96 -26.54 -23.29
N PRO A 152 2.83 -27.09 -24.52
CA PRO A 152 2.65 -28.55 -24.62
C PRO A 152 3.90 -29.37 -24.32
N LEU A 153 5.09 -28.88 -24.70
CA LEU A 153 6.28 -29.72 -24.68
C LEU A 153 6.56 -30.37 -23.30
N PRO A 154 6.60 -29.55 -22.24
CA PRO A 154 6.97 -30.16 -20.97
C PRO A 154 5.89 -31.12 -20.44
N MET A 155 4.64 -30.92 -20.81
CA MET A 155 3.59 -31.86 -20.42
C MET A 155 3.78 -33.19 -21.11
N ARG A 156 4.06 -33.16 -22.42
N ARG A 156 4.06 -33.15 -22.39
CA ARG A 156 4.38 -34.36 -23.19
CA ARG A 156 4.33 -34.35 -23.14
C ARG A 156 5.52 -35.11 -22.52
C ARG A 156 5.53 -35.12 -22.55
N VAL A 157 6.57 -34.39 -22.17
CA VAL A 157 7.79 -35.03 -21.67
C VAL A 157 7.57 -35.65 -20.30
N ILE A 158 7.00 -34.89 -19.37
CA ILE A 158 6.79 -35.40 -18.04
C ILE A 158 5.73 -36.55 -18.05
N SER A 159 4.76 -36.44 -18.95
CA SER A 159 3.78 -37.50 -19.17
C SER A 159 4.42 -38.80 -19.68
N ALA A 160 5.35 -38.69 -20.64
CA ALA A 160 6.07 -39.87 -21.12
C ALA A 160 6.78 -40.53 -19.96
N LEU A 161 7.44 -39.72 -19.12
CA LEU A 161 8.23 -40.23 -18.02
C LEU A 161 7.33 -40.94 -16.97
N MET A 162 6.18 -40.34 -16.65
CA MET A 162 5.34 -40.82 -15.54
C MET A 162 4.29 -41.83 -15.99
N GLY A 163 3.95 -41.80 -17.28
CA GLY A 163 3.01 -42.75 -17.85
C GLY A 163 1.59 -42.19 -17.94
N VAL A 164 1.48 -40.88 -18.15
CA VAL A 164 0.20 -40.25 -18.39
C VAL A 164 -0.19 -40.40 -19.86
N PRO A 165 -1.32 -41.06 -20.12
CA PRO A 165 -1.76 -41.32 -21.50
C PRO A 165 -1.87 -40.05 -22.33
N SER A 166 -1.49 -40.14 -23.59
CA SER A 166 -1.56 -39.02 -24.52
C SER A 166 -2.91 -38.31 -24.44
N GLU A 167 -3.98 -39.09 -24.39
CA GLU A 167 -5.32 -38.55 -24.53
C GLU A 167 -5.82 -37.80 -23.27
N ASP A 168 -5.07 -37.90 -22.16
CA ASP A 168 -5.50 -37.28 -20.88
C ASP A 168 -4.81 -35.95 -20.62
N GLN A 169 -3.82 -35.63 -21.44
CA GLN A 169 -2.92 -34.52 -21.12
C GLN A 169 -3.63 -33.16 -21.25
N GLU A 170 -4.53 -33.05 -22.21
CA GLU A 170 -5.29 -31.81 -22.39
C GLU A 170 -6.10 -31.47 -21.13
N GLN A 171 -6.72 -32.47 -20.53
CA GLN A 171 -7.49 -32.27 -19.30
C GLN A 171 -6.60 -31.88 -18.14
N LEU A 172 -5.40 -32.46 -18.06
CA LEU A 172 -4.49 -32.08 -17.03
C LEU A 172 -4.15 -30.59 -17.14
N LEU A 173 -3.86 -30.14 -18.37
CA LEU A 173 -3.48 -28.74 -18.60
C LEU A 173 -4.61 -27.80 -18.20
N THR A 174 -5.83 -28.20 -18.52
CA THR A 174 -6.98 -27.40 -18.18
C THR A 174 -7.15 -27.25 -16.68
N TRP A 175 -6.96 -28.34 -15.94
CA TRP A 175 -6.99 -28.31 -14.49
C TRP A 175 -5.92 -27.39 -13.95
N TYR A 176 -4.66 -27.58 -14.41
CA TYR A 176 -3.54 -26.78 -13.87
C TYR A 176 -3.73 -25.29 -14.10
N LYS A 177 -4.19 -24.93 -15.28
CA LYS A 177 -4.48 -23.52 -15.57
C LYS A 177 -5.51 -22.96 -14.53
N ALA A 178 -6.56 -23.73 -14.23
CA ALA A 178 -7.53 -23.31 -13.23
C ALA A 178 -6.92 -23.28 -11.84
N PHE A 179 -6.09 -24.28 -11.54
CA PHE A 179 -5.45 -24.39 -10.24
C PHE A 179 -4.54 -23.17 -9.97
N PHE A 180 -3.75 -22.77 -10.99
CA PHE A 180 -2.74 -21.70 -10.82
C PHE A 180 -3.29 -20.29 -10.86
N SER A 181 -4.39 -20.07 -11.60
CA SER A 181 -4.92 -18.72 -11.78
C SER A 181 -5.52 -18.20 -10.48
N ILE A 182 -5.13 -17.00 -10.09
CA ILE A 182 -5.67 -16.41 -8.89
C ILE A 182 -7.16 -16.10 -9.13
N LEU A 183 -7.53 -15.88 -10.39
CA LEU A 183 -8.91 -15.53 -10.72
C LEU A 183 -9.93 -16.71 -10.55
N THR A 184 -9.45 -17.95 -10.58
CA THR A 184 -10.38 -19.11 -10.38
C THR A 184 -11.16 -18.96 -9.06
N PRO A 185 -12.51 -19.02 -9.13
CA PRO A 185 -13.26 -19.00 -7.87
C PRO A 185 -12.80 -20.10 -6.94
N GLN A 186 -12.70 -19.81 -5.64
CA GLN A 186 -12.08 -20.75 -4.70
C GLN A 186 -12.87 -22.05 -4.64
N ASP A 187 -14.20 -21.98 -4.68
CA ASP A 187 -14.98 -23.22 -4.66
C ASP A 187 -14.65 -24.12 -5.88
N GLU A 188 -14.47 -23.49 -7.03
CA GLU A 188 -14.11 -24.20 -8.24
C GLU A 188 -12.68 -24.72 -8.18
N ARG A 189 -11.78 -23.93 -7.60
CA ARG A 189 -10.38 -24.37 -7.45
C ARG A 189 -10.29 -25.60 -6.57
N LEU A 190 -11.05 -25.62 -5.47
CA LEU A 190 -11.04 -26.76 -4.57
C LEU A 190 -11.61 -28.00 -5.25
N ARG A 191 -12.64 -27.81 -6.08
CA ARG A 191 -13.18 -28.89 -6.89
C ARG A 191 -12.14 -29.44 -7.85
N VAL A 192 -11.42 -28.53 -8.53
CA VAL A 192 -10.38 -28.94 -9.49
C VAL A 192 -9.29 -29.73 -8.78
N ILE A 193 -8.95 -29.31 -7.56
CA ILE A 193 -7.99 -30.03 -6.72
C ILE A 193 -8.45 -31.46 -6.38
N ASP A 194 -9.72 -31.61 -6.01
CA ASP A 194 -10.32 -32.93 -5.81
C ASP A 194 -10.30 -33.76 -7.10
N GLU A 195 -10.60 -33.12 -8.22
CA GLU A 195 -10.71 -33.84 -9.48
C GLU A 195 -9.33 -34.31 -9.94
N MET A 196 -8.32 -33.46 -9.78
CA MET A 196 -6.93 -33.88 -10.05
C MET A 196 -6.52 -35.05 -9.18
N HIS A 197 -6.86 -35.00 -7.91
N HIS A 197 -6.85 -34.98 -7.90
CA HIS A 197 -6.51 -36.08 -6.99
CA HIS A 197 -6.55 -36.06 -6.96
C HIS A 197 -7.17 -37.37 -7.40
C HIS A 197 -7.17 -37.36 -7.41
N GLY A 198 -8.44 -37.29 -7.79
CA GLY A 198 -9.18 -38.46 -8.28
C GLY A 198 -8.53 -39.07 -9.52
N TYR A 199 -8.09 -38.22 -10.43
CA TYR A 199 -7.42 -38.68 -11.64
C TYR A 199 -6.15 -39.47 -11.33
N PHE A 200 -5.29 -38.89 -10.49
CA PHE A 200 -3.99 -39.53 -10.23
C PHE A 200 -4.15 -40.75 -9.33
N THR A 201 -5.19 -40.75 -8.50
CA THR A 201 -5.52 -41.91 -7.70
C THR A 201 -5.83 -43.09 -8.63
N GLU A 202 -6.69 -42.87 -9.61
CA GLU A 202 -7.04 -43.91 -10.57
C GLU A 202 -5.84 -44.32 -11.45
N MET A 203 -4.98 -43.36 -11.78
CA MET A 203 -3.79 -43.65 -12.57
C MET A 203 -2.88 -44.63 -11.82
N VAL A 204 -2.73 -44.41 -10.52
CA VAL A 204 -1.89 -45.28 -9.71
C VAL A 204 -2.54 -46.70 -9.58
N ARG A 205 -3.86 -46.73 -9.48
CA ARG A 205 -4.58 -48.03 -9.50
C ARG A 205 -4.41 -48.73 -10.84
N ARG A 206 -4.41 -47.96 -11.92
CA ARG A 206 -4.23 -48.53 -13.25
C ARG A 206 -2.82 -49.14 -13.37
N LYS A 207 -1.81 -48.40 -12.90
CA LYS A 207 -0.40 -48.85 -12.97
C LYS A 207 -0.08 -50.01 -11.98
N THR A 208 -0.83 -50.08 -10.88
CA THR A 208 -0.71 -51.18 -9.93
C THR A 208 -1.15 -52.49 -10.61
N ALA A 209 -2.30 -52.43 -11.30
CA ALA A 209 -2.84 -53.60 -12.00
C ALA A 209 -2.03 -53.95 -13.24
N GLU A 210 -1.52 -52.94 -13.93
CA GLU A 210 -0.76 -53.15 -15.15
C GLU A 210 0.41 -52.18 -15.21
N PRO A 211 1.52 -52.53 -14.52
CA PRO A 211 2.70 -51.69 -14.49
C PRO A 211 3.40 -51.63 -15.84
N GLY A 212 4.18 -50.57 -16.05
CA GLY A 212 4.88 -50.38 -17.31
C GLY A 212 6.27 -49.79 -17.11
N ASP A 213 6.88 -49.35 -18.21
CA ASP A 213 8.21 -48.79 -18.18
C ASP A 213 8.12 -47.29 -17.93
N ASP A 214 7.76 -46.93 -16.72
CA ASP A 214 7.60 -45.53 -16.34
C ASP A 214 7.90 -45.37 -14.86
N LEU A 215 8.10 -44.12 -14.44
CA LEU A 215 8.48 -43.83 -13.06
C LEU A 215 7.35 -44.13 -12.05
N THR A 216 6.09 -43.93 -12.45
CA THR A 216 4.97 -44.23 -11.57
C THR A 216 5.01 -45.70 -11.15
N SER A 217 5.17 -46.58 -12.13
CA SER A 217 5.31 -48.01 -11.86
C SER A 217 6.49 -48.28 -10.89
N ALA A 218 7.58 -47.55 -11.07
CA ALA A 218 8.75 -47.69 -10.21
C ALA A 218 8.50 -47.23 -8.76
N LEU A 219 7.69 -46.19 -8.58
CA LEU A 219 7.27 -45.76 -7.23
C LEU A 219 6.38 -46.80 -6.58
N ILE A 220 5.55 -47.44 -7.39
CA ILE A 220 4.61 -48.47 -6.89
C ILE A 220 5.39 -49.72 -6.52
N TYR A 221 6.23 -50.16 -7.41
CA TYR A 221 6.96 -51.39 -7.20
C TYR A 221 8.44 -51.11 -7.06
N ALA A 222 8.90 -51.00 -5.81
CA ALA A 222 10.31 -50.75 -5.50
C ALA A 222 11.10 -52.05 -5.46
N THR A 223 12.43 -51.94 -5.37
CA THR A 223 13.33 -52.99 -5.84
C THR A 223 13.23 -54.32 -5.12
N ASP A 224 12.53 -54.35 -3.99
CA ASP A 224 12.45 -55.56 -3.17
C ASP A 224 13.44 -55.46 -2.01
N GLY A 225 12.96 -55.00 -0.87
CA GLY A 225 13.82 -54.53 0.22
C GLY A 225 13.17 -53.35 0.92
N GLU A 226 12.76 -52.36 0.12
CA GLU A 226 11.69 -51.43 0.52
C GLU A 226 12.11 -50.60 1.77
N THR A 227 11.16 -50.05 2.56
CA THR A 227 9.76 -50.47 2.62
C THR A 227 8.85 -49.71 1.61
N PRO A 228 7.76 -50.36 1.15
CA PRO A 228 6.98 -49.81 0.02
C PRO A 228 6.35 -48.48 0.33
N LEU A 229 6.20 -47.64 -0.69
CA LEU A 229 5.51 -46.38 -0.52
C LEU A 229 4.01 -46.64 -0.32
N THR A 230 3.37 -45.85 0.53
CA THR A 230 1.91 -45.97 0.70
C THR A 230 1.22 -45.44 -0.55
N GLU A 231 -0.08 -45.68 -0.67
CA GLU A 231 -0.81 -45.18 -1.82
C GLU A 231 -0.75 -43.67 -1.81
N GLU A 232 -0.84 -43.09 -0.63
CA GLU A 232 -0.85 -41.65 -0.50
C GLU A 232 0.47 -41.04 -0.96
N GLU A 233 1.56 -41.71 -0.60
CA GLU A 233 2.89 -41.25 -0.98
C GLU A 233 3.14 -41.36 -2.49
N VAL A 234 2.74 -42.47 -3.09
CA VAL A 234 2.91 -42.64 -4.53
C VAL A 234 2.11 -41.56 -5.28
N ILE A 235 0.83 -41.42 -4.93
CA ILE A 235 0.00 -40.43 -5.56
C ILE A 235 0.56 -39.03 -5.34
N GLY A 236 1.02 -38.76 -4.13
CA GLY A 236 1.60 -37.48 -3.80
C GLY A 236 2.83 -37.13 -4.61
N ASN A 237 3.79 -38.07 -4.69
CA ASN A 237 4.96 -37.88 -5.56
C ASN A 237 4.55 -37.68 -7.03
N LEU A 238 3.61 -38.49 -7.49
CA LEU A 238 3.15 -38.44 -8.84
C LEU A 238 2.65 -37.04 -9.17
N GLN A 239 1.71 -36.55 -8.36
CA GLN A 239 1.09 -35.25 -8.63
C GLN A 239 2.13 -34.13 -8.58
N ALA A 240 3.05 -34.21 -7.63
CA ALA A 240 4.10 -33.22 -7.49
C ALA A 240 5.01 -33.18 -8.71
N LEU A 241 5.44 -34.35 -9.18
CA LEU A 241 6.32 -34.44 -10.34
C LEU A 241 5.66 -33.90 -11.61
N VAL A 242 4.39 -34.22 -11.82
CA VAL A 242 3.71 -33.75 -13.01
C VAL A 242 3.48 -32.23 -12.94
N ALA A 243 2.94 -31.76 -11.80
CA ALA A 243 2.64 -30.33 -11.62
C ALA A 243 3.91 -29.48 -11.80
N ALA A 244 4.98 -29.89 -11.11
CA ALA A 244 6.25 -29.16 -11.18
C ALA A 244 6.86 -29.30 -12.53
N GLY A 245 6.85 -30.50 -13.05
CA GLY A 245 7.54 -30.81 -14.29
C GLY A 245 6.99 -30.03 -15.45
N HIS A 246 5.67 -29.86 -15.47
CA HIS A 246 5.04 -29.04 -16.48
C HIS A 246 5.23 -27.54 -16.28
N GLU A 247 4.76 -27.02 -15.13
CA GLU A 247 4.57 -25.61 -14.92
C GLU A 247 5.87 -24.81 -14.99
N THR A 248 6.95 -25.32 -14.38
CA THR A 248 8.20 -24.57 -14.32
C THR A 248 8.85 -24.52 -15.68
N THR A 249 8.86 -25.66 -16.35
CA THR A 249 9.61 -25.81 -17.60
C THR A 249 9.04 -24.93 -18.72
N VAL A 250 7.72 -24.78 -18.75
CA VAL A 250 7.09 -23.88 -19.73
C VAL A 250 7.70 -22.49 -19.58
N SER A 251 7.75 -22.00 -18.34
N SER A 251 7.74 -22.00 -18.33
CA SER A 251 8.25 -20.65 -18.07
CA SER A 251 8.26 -20.66 -18.06
C SER A 251 9.71 -20.53 -18.50
C SER A 251 9.71 -20.54 -18.51
N LEU A 252 10.52 -21.54 -18.18
CA LEU A 252 11.96 -21.51 -18.52
C LEU A 252 12.18 -21.38 -20.04
N ILE A 253 11.44 -22.13 -20.81
CA ILE A 253 11.56 -22.06 -22.26
C ILE A 253 11.22 -20.67 -22.77
N LEU A 254 10.08 -20.14 -22.32
CA LEU A 254 9.57 -18.86 -22.80
C LEU A 254 10.47 -17.66 -22.41
N THR A 255 10.89 -17.63 -21.14
CA THR A 255 11.80 -16.57 -20.66
C THR A 255 13.17 -16.63 -21.35
N ALA A 256 13.66 -17.84 -21.62
CA ALA A 256 14.95 -17.99 -22.31
C ALA A 256 14.88 -17.40 -23.72
N VAL A 257 13.77 -17.69 -24.44
CA VAL A 257 13.55 -17.13 -25.77
C VAL A 257 13.41 -15.61 -25.71
N ARG A 258 12.62 -15.11 -24.76
CA ARG A 258 12.41 -13.67 -24.62
C ARG A 258 13.72 -12.97 -24.28
N ALA A 259 14.52 -13.61 -23.43
CA ALA A 259 15.80 -13.04 -23.02
C ALA A 259 16.77 -12.95 -24.19
N LEU A 260 16.91 -14.06 -24.93
CA LEU A 260 17.81 -14.09 -26.08
C LEU A 260 17.33 -13.16 -27.21
N LEU A 261 16.03 -13.16 -27.50
CA LEU A 261 15.48 -12.26 -28.54
C LEU A 261 15.67 -10.76 -28.17
N SER A 262 15.57 -10.41 -26.88
CA SER A 262 15.75 -9.00 -26.45
C SER A 262 17.23 -8.66 -26.23
N HIS A 263 18.09 -9.67 -26.35
CA HIS A 263 19.55 -9.49 -26.27
C HIS A 263 20.22 -10.20 -27.42
N PRO A 264 19.94 -9.75 -28.66
CA PRO A 264 20.31 -10.52 -29.86
C PRO A 264 21.82 -10.80 -29.96
N GLU A 265 22.63 -9.92 -29.39
CA GLU A 265 24.07 -10.11 -29.37
C GLU A 265 24.45 -11.40 -28.58
N GLN A 266 23.67 -11.67 -27.53
CA GLN A 266 23.88 -12.84 -26.69
C GLN A 266 23.28 -14.09 -27.34
N LEU A 267 22.15 -13.93 -28.03
CA LEU A 267 21.67 -15.00 -28.92
C LEU A 267 22.79 -15.39 -29.91
N ARG A 268 23.47 -14.40 -30.48
CA ARG A 268 24.52 -14.69 -31.45
C ARG A 268 25.64 -15.53 -30.82
N LEU A 269 26.02 -15.16 -29.58
CA LEU A 269 27.08 -15.88 -28.87
C LEU A 269 26.80 -17.38 -28.80
N VAL A 270 25.55 -17.75 -28.49
CA VAL A 270 25.18 -19.17 -28.37
C VAL A 270 25.03 -19.85 -29.73
N ARG A 271 24.47 -19.13 -30.71
CA ARG A 271 24.31 -19.67 -32.06
C ARG A 271 25.68 -19.98 -32.69
N ASP A 272 26.65 -19.12 -32.42
CA ASP A 272 27.98 -19.26 -33.02
C ASP A 272 28.93 -20.11 -32.15
N GLY A 273 28.44 -20.59 -31.02
CA GLY A 273 29.18 -21.56 -30.21
C GLY A 273 30.25 -20.96 -29.33
N GLU A 274 30.19 -19.65 -29.11
CA GLU A 274 31.14 -18.96 -28.24
C GLU A 274 30.77 -19.06 -26.77
N ILE A 275 29.47 -19.10 -26.50
CA ILE A 275 28.95 -19.46 -25.17
C ILE A 275 28.00 -20.66 -25.34
N GLY A 276 28.00 -21.58 -24.38
CA GLY A 276 27.10 -22.73 -24.45
C GLY A 276 25.63 -22.35 -24.24
N TRP A 277 24.74 -23.06 -24.92
CA TRP A 277 23.32 -22.91 -24.67
C TRP A 277 23.01 -23.14 -23.22
N GLU A 278 23.73 -24.06 -22.61
CA GLU A 278 23.48 -24.43 -21.20
C GLU A 278 23.75 -23.23 -20.29
N THR A 279 24.77 -22.45 -20.62
CA THR A 279 25.09 -21.26 -19.85
C THR A 279 24.01 -20.18 -20.01
N ALA A 280 23.50 -20.02 -21.21
CA ALA A 280 22.37 -19.11 -21.45
C ALA A 280 21.15 -19.51 -20.58
N ILE A 281 20.90 -20.80 -20.47
CA ILE A 281 19.82 -21.32 -19.65
C ILE A 281 20.05 -21.05 -18.13
N GLU A 282 21.28 -21.16 -17.66
CA GLU A 282 21.57 -20.89 -16.23
C GLU A 282 21.33 -19.40 -15.90
N GLU A 283 21.76 -18.50 -16.80
CA GLU A 283 21.56 -17.07 -16.57
C GLU A 283 20.06 -16.75 -16.61
N THR A 284 19.33 -17.42 -17.49
CA THR A 284 17.86 -17.28 -17.51
C THR A 284 17.24 -17.70 -16.16
N LEU A 285 17.73 -18.81 -15.59
CA LEU A 285 17.22 -19.30 -14.32
C LEU A 285 17.49 -18.26 -13.21
N ARG A 286 18.67 -17.65 -13.25
CA ARG A 286 19.08 -16.66 -12.26
C ARG A 286 18.26 -15.39 -12.40
N TRP A 287 18.07 -14.95 -13.64
CA TRP A 287 17.58 -13.61 -13.92
C TRP A 287 16.06 -13.54 -14.04
N ASP A 288 15.45 -14.60 -14.58
CA ASP A 288 14.01 -14.56 -14.99
C ASP A 288 13.42 -15.95 -14.93
N GLY A 289 13.56 -16.58 -13.75
CA GLY A 289 13.35 -18.01 -13.61
C GLY A 289 11.92 -18.38 -13.32
N PRO A 290 11.64 -19.70 -13.29
CA PRO A 290 10.26 -20.15 -13.23
C PRO A 290 9.52 -19.83 -11.91
N VAL A 291 10.26 -19.75 -10.80
CA VAL A 291 9.67 -19.55 -9.48
C VAL A 291 9.84 -18.09 -9.03
N ILE A 292 8.73 -17.49 -8.61
CA ILE A 292 8.77 -16.19 -7.99
C ILE A 292 8.87 -16.31 -6.48
N HIS A 293 7.96 -17.09 -5.90
CA HIS A 293 7.93 -17.35 -4.46
C HIS A 293 7.64 -18.81 -4.24
N LEU A 294 8.26 -19.37 -3.22
CA LEU A 294 7.96 -20.73 -2.78
C LEU A 294 7.35 -20.76 -1.37
N LEU A 295 6.07 -21.16 -1.32
CA LEU A 295 5.35 -21.41 -0.09
C LEU A 295 5.51 -22.91 0.27
N MET A 296 5.74 -23.25 1.54
CA MET A 296 6.08 -22.32 2.60
C MET A 296 6.68 -23.18 3.72
N ARG A 297 7.51 -22.57 4.56
CA ARG A 297 8.15 -23.29 5.64
C ARG A 297 7.75 -22.67 6.98
N PHE A 298 7.86 -23.46 8.06
CA PHE A 298 7.36 -23.02 9.36
C PHE A 298 8.36 -23.36 10.46
N ALA A 299 8.49 -22.47 11.44
CA ALA A 299 9.49 -22.60 12.48
C ALA A 299 8.96 -23.49 13.63
N THR A 300 9.63 -24.62 13.86
CA THR A 300 9.25 -25.57 14.94
C THR A 300 9.63 -24.99 16.32
N GLU A 301 10.48 -23.98 16.30
N GLU A 301 10.51 -24.00 16.30
CA GLU A 301 10.81 -23.21 17.49
CA GLU A 301 10.84 -23.23 17.49
C GLU A 301 11.41 -21.88 17.04
C GLU A 301 11.40 -21.89 17.05
N ASP A 302 11.78 -21.04 18.01
CA ASP A 302 12.36 -19.74 17.70
C ASP A 302 13.71 -19.92 16.99
N ILE A 303 13.93 -19.13 15.95
CA ILE A 303 15.18 -19.18 15.20
C ILE A 303 15.88 -17.83 15.27
N ASP A 304 16.97 -17.76 16.04
CA ASP A 304 17.74 -16.53 16.20
C ASP A 304 18.71 -16.35 15.04
N LEU A 305 18.65 -15.19 14.40
CA LEU A 305 19.54 -14.88 13.28
C LEU A 305 20.48 -13.75 13.65
N GLY A 306 20.69 -13.55 14.94
CA GLY A 306 21.62 -12.54 15.42
C GLY A 306 20.92 -11.23 15.70
N ASP A 307 20.46 -10.57 14.65
N ASP A 307 20.45 -10.60 14.63
CA ASP A 307 19.76 -9.31 14.81
CA ASP A 307 19.77 -9.31 14.71
C ASP A 307 18.29 -9.45 14.37
C ASP A 307 18.28 -9.45 14.37
N ALA A 308 17.81 -10.69 14.35
CA ALA A 308 16.42 -10.97 13.97
C ALA A 308 15.99 -12.31 14.57
N VAL A 309 14.71 -12.44 14.90
CA VAL A 309 14.16 -13.70 15.37
C VAL A 309 12.92 -14.11 14.55
N ILE A 310 12.98 -15.28 13.93
CA ILE A 310 11.78 -15.85 13.34
C ILE A 310 11.10 -16.73 14.36
N PRO A 311 9.97 -16.27 14.87
CA PRO A 311 9.28 -16.90 15.98
C PRO A 311 8.71 -18.27 15.63
N ARG A 312 8.64 -19.15 16.64
CA ARG A 312 7.98 -20.45 16.47
C ARG A 312 6.56 -20.28 15.86
N GLY A 313 6.26 -21.07 14.85
CA GLY A 313 4.92 -21.07 14.25
C GLY A 313 4.78 -20.15 13.02
N GLU A 314 5.80 -19.36 12.76
CA GLU A 314 5.74 -18.36 11.72
C GLU A 314 5.98 -18.99 10.37
N GLY A 315 5.32 -18.44 9.34
CA GLY A 315 5.49 -18.89 7.98
C GLY A 315 6.59 -18.13 7.26
N VAL A 316 7.42 -18.90 6.54
CA VAL A 316 8.61 -18.38 5.84
C VAL A 316 8.56 -18.80 4.38
N VAL A 317 8.65 -17.80 3.50
CA VAL A 317 8.59 -17.98 2.06
C VAL A 317 9.95 -17.69 1.44
N MET A 318 10.34 -18.49 0.44
CA MET A 318 11.58 -18.24 -0.28
C MET A 318 11.30 -17.48 -1.55
N SER A 319 11.73 -16.23 -1.58
CA SER A 319 11.47 -15.36 -2.72
C SER A 319 12.60 -15.49 -3.73
N TYR A 320 12.57 -16.59 -4.46
CA TYR A 320 13.63 -16.99 -5.39
C TYR A 320 13.94 -15.97 -6.53
N ARG A 321 12.93 -15.31 -7.05
CA ARG A 321 13.18 -14.29 -8.05
C ARG A 321 14.03 -13.15 -7.45
N ALA A 322 13.55 -12.56 -6.36
CA ALA A 322 14.34 -11.58 -5.62
C ALA A 322 15.79 -12.10 -5.34
N ILE A 323 15.88 -13.37 -4.98
CA ILE A 323 17.15 -13.98 -4.59
C ILE A 323 18.12 -14.05 -5.79
N GLY A 324 17.57 -14.32 -6.97
CA GLY A 324 18.36 -14.34 -8.22
C GLY A 324 18.94 -12.97 -8.62
N ARG A 325 18.34 -11.91 -8.07
CA ARG A 325 18.80 -10.51 -8.32
C ARG A 325 19.71 -9.97 -7.19
N ASP A 326 20.26 -10.89 -6.38
CA ASP A 326 21.11 -10.51 -5.26
C ASP A 326 22.39 -9.82 -5.76
N ILE A 327 22.54 -8.57 -5.39
CA ILE A 327 23.68 -7.76 -5.85
C ILE A 327 24.98 -8.16 -5.13
N THR A 328 24.86 -8.58 -3.87
CA THR A 328 26.02 -9.05 -3.12
C THR A 328 26.70 -10.20 -3.84
N VAL A 329 25.91 -11.10 -4.41
CA VAL A 329 26.44 -12.28 -5.06
C VAL A 329 26.81 -12.01 -6.52
N HIS A 330 25.96 -11.26 -7.23
CA HIS A 330 26.07 -11.14 -8.69
C HIS A 330 26.63 -9.83 -9.17
N GLY A 331 26.80 -8.89 -8.26
CA GLY A 331 27.39 -7.61 -8.59
C GLY A 331 26.36 -6.58 -8.99
N ALA A 332 26.83 -5.39 -9.34
CA ALA A 332 25.96 -4.22 -9.51
C ALA A 332 24.93 -4.42 -10.61
N ASP A 333 25.29 -5.21 -11.63
CA ASP A 333 24.44 -5.40 -12.79
C ASP A 333 23.56 -6.66 -12.66
N ALA A 334 23.19 -7.02 -11.42
CA ALA A 334 22.36 -8.21 -11.17
C ALA A 334 21.05 -8.17 -11.95
N ASP A 335 20.50 -6.98 -12.15
CA ASP A 335 19.21 -6.84 -12.82
C ASP A 335 19.35 -6.92 -14.36
N ASP A 336 20.56 -7.16 -14.87
CA ASP A 336 20.77 -7.30 -16.32
C ASP A 336 20.87 -8.79 -16.69
N PHE A 337 20.40 -9.12 -17.88
CA PHE A 337 20.62 -10.46 -18.45
C PHE A 337 22.00 -10.47 -19.12
N ASP A 338 22.90 -11.34 -18.65
CA ASP A 338 24.26 -11.40 -19.20
C ASP A 338 24.84 -12.80 -19.10
N ILE A 339 24.71 -13.57 -20.19
CA ILE A 339 25.07 -14.98 -20.20
C ILE A 339 26.58 -15.18 -20.07
N THR A 340 27.34 -14.09 -20.13
CA THR A 340 28.80 -14.15 -19.95
C THR A 340 29.26 -13.89 -18.50
N ARG A 341 28.33 -13.55 -17.60
CA ARG A 341 28.73 -13.18 -16.23
C ARG A 341 29.34 -14.39 -15.50
N ALA A 342 30.24 -14.13 -14.55
CA ALA A 342 30.98 -15.19 -13.89
C ALA A 342 30.07 -16.05 -13.00
N THR A 343 29.00 -15.43 -12.50
CA THR A 343 28.17 -16.06 -11.48
C THR A 343 26.88 -16.67 -12.09
N ALA A 344 26.84 -16.79 -13.42
CA ALA A 344 25.61 -17.22 -14.12
C ALA A 344 25.07 -18.54 -13.59
N ALA A 345 25.95 -19.44 -13.20
CA ALA A 345 25.53 -20.76 -12.76
C ALA A 345 25.58 -20.90 -11.25
N ARG A 346 25.76 -19.77 -10.56
CA ARG A 346 25.88 -19.81 -9.09
C ARG A 346 24.54 -19.46 -8.39
N HIS A 347 23.45 -19.54 -9.13
CA HIS A 347 22.12 -19.27 -8.58
C HIS A 347 21.63 -20.44 -7.71
N ILE A 348 20.54 -20.23 -6.93
CA ILE A 348 19.83 -21.35 -6.27
C ILE A 348 18.38 -21.41 -6.72
N SER A 349 18.15 -21.23 -8.03
CA SER A 349 16.80 -21.15 -8.56
C SER A 349 16.10 -22.50 -8.56
N PHE A 350 16.88 -23.58 -8.35
CA PHE A 350 16.32 -24.95 -8.17
C PHE A 350 16.29 -25.31 -6.69
N GLY A 351 16.55 -24.32 -5.83
CA GLY A 351 16.57 -24.56 -4.37
C GLY A 351 17.90 -25.02 -3.80
N HIS A 352 17.86 -25.44 -2.54
CA HIS A 352 19.07 -25.81 -1.82
C HIS A 352 18.68 -26.62 -0.61
N GLY A 353 19.55 -27.54 -0.20
CA GLY A 353 19.26 -28.41 0.91
C GLY A 353 18.46 -29.64 0.51
N PRO A 354 17.84 -30.31 1.49
CA PRO A 354 17.12 -31.56 1.25
C PRO A 354 16.10 -31.49 0.14
N HIS A 355 15.39 -30.36 0.04
CA HIS A 355 14.26 -30.29 -0.88
C HIS A 355 14.63 -29.78 -2.25
N ILE A 356 15.94 -29.81 -2.55
CA ILE A 356 16.44 -29.28 -3.82
C ILE A 356 15.76 -30.02 -4.98
N CYS A 357 15.52 -29.31 -6.05
CA CYS A 357 14.69 -29.85 -7.12
C CYS A 357 15.26 -31.18 -7.63
N PRO A 358 14.42 -32.25 -7.69
CA PRO A 358 14.98 -33.50 -8.20
C PRO A 358 15.00 -33.55 -9.71
N GLY A 359 14.30 -32.61 -10.35
CA GLY A 359 14.11 -32.64 -11.82
C GLY A 359 15.00 -31.65 -12.58
N ALA A 360 15.95 -31.04 -11.87
CA ALA A 360 16.83 -30.00 -12.46
C ALA A 360 17.52 -30.49 -13.74
N ALA A 361 18.06 -31.71 -13.73
CA ALA A 361 18.72 -32.23 -14.95
C ALA A 361 17.71 -32.37 -16.13
N LEU A 362 16.49 -32.76 -15.83
CA LEU A 362 15.48 -32.92 -16.88
C LEU A 362 15.07 -31.55 -17.40
N ALA A 363 14.83 -30.61 -16.47
CA ALA A 363 14.50 -29.22 -16.87
C ALA A 363 15.57 -28.67 -17.82
N ARG A 364 16.82 -28.82 -17.41
CA ARG A 364 17.96 -28.32 -18.17
C ARG A 364 18.07 -29.01 -19.52
N LEU A 365 17.80 -30.31 -19.54
CA LEU A 365 17.90 -31.11 -20.76
C LEU A 365 16.81 -30.71 -21.76
N GLU A 366 15.58 -30.52 -21.27
CA GLU A 366 14.49 -30.11 -22.16
C GLU A 366 14.82 -28.78 -22.81
N ALA A 367 15.32 -27.83 -22.01
CA ALA A 367 15.66 -26.48 -22.51
C ALA A 367 16.83 -26.54 -23.49
N ALA A 368 17.81 -27.39 -23.19
CA ALA A 368 19.02 -27.47 -23.99
C ALA A 368 18.75 -28.10 -25.36
N ILE A 369 17.70 -28.92 -25.45
CA ILE A 369 17.29 -29.50 -26.74
C ILE A 369 16.37 -28.51 -27.47
N ALA A 370 15.40 -28.00 -26.75
CA ALA A 370 14.34 -27.19 -27.35
C ALA A 370 14.87 -25.86 -27.94
N LEU A 371 15.69 -25.16 -27.17
CA LEU A 371 16.08 -23.82 -27.55
C LEU A 371 16.89 -23.77 -28.85
N PRO A 372 18.01 -24.52 -28.92
CA PRO A 372 18.77 -24.54 -30.17
C PRO A 372 17.97 -25.11 -31.35
N ALA A 373 17.08 -26.07 -31.09
CA ALA A 373 16.24 -26.60 -32.15
C ALA A 373 15.33 -25.50 -32.72
N LEU A 374 14.75 -24.70 -31.83
CA LEU A 374 13.82 -23.62 -32.25
C LEU A 374 14.56 -22.60 -33.15
N PHE A 375 15.70 -22.13 -32.68
CA PHE A 375 16.42 -21.05 -33.36
C PHE A 375 17.14 -21.52 -34.63
N THR A 376 17.58 -22.79 -34.65
CA THR A 376 18.13 -23.40 -35.87
C THR A 376 17.06 -23.57 -36.95
N ARG A 377 15.90 -24.10 -36.55
CA ARG A 377 14.80 -24.26 -37.45
C ARG A 377 14.32 -22.91 -37.99
N PHE A 378 14.17 -21.93 -37.09
CA PHE A 378 13.59 -20.62 -37.46
C PHE A 378 14.55 -19.48 -37.11
N PRO A 379 15.66 -19.38 -37.85
CA PRO A 379 16.73 -18.44 -37.49
C PRO A 379 16.30 -16.95 -37.48
N HIS A 380 15.19 -16.63 -38.14
CA HIS A 380 14.73 -15.24 -38.21
C HIS A 380 13.48 -15.02 -37.39
N LEU A 381 13.22 -15.98 -36.47
CA LEU A 381 12.20 -15.84 -35.43
C LEU A 381 12.25 -14.48 -34.73
N HIS A 382 11.13 -13.76 -34.70
CA HIS A 382 11.09 -12.47 -34.03
C HIS A 382 9.73 -12.19 -33.42
N PRO A 383 9.69 -11.27 -32.44
CA PRO A 383 8.45 -10.88 -31.77
C PRO A 383 7.52 -10.09 -32.68
N ALA A 384 6.23 -10.41 -32.63
CA ALA A 384 5.20 -9.67 -33.38
C ALA A 384 4.50 -8.69 -32.40
N LEU A 385 4.99 -8.71 -31.18
CA LEU A 385 4.54 -7.81 -30.12
C LEU A 385 5.79 -7.45 -29.33
N PRO A 386 5.95 -6.17 -28.97
CA PRO A 386 7.10 -5.82 -28.15
C PRO A 386 7.23 -6.75 -26.96
N LEU A 387 8.40 -7.33 -26.77
CA LEU A 387 8.58 -8.36 -25.73
C LEU A 387 8.18 -7.82 -24.36
N ASP A 388 8.44 -6.52 -24.14
CA ASP A 388 8.16 -5.89 -22.85
C ASP A 388 6.64 -5.71 -22.61
N GLN A 389 5.83 -6.03 -23.62
CA GLN A 389 4.38 -5.94 -23.49
C GLN A 389 3.72 -7.33 -23.27
N ILE A 390 4.51 -8.39 -23.22
CA ILE A 390 4.00 -9.70 -22.78
C ILE A 390 3.69 -9.63 -21.29
N PRO A 391 2.42 -9.87 -20.91
CA PRO A 391 2.08 -9.82 -19.50
C PRO A 391 2.21 -11.17 -18.81
N ASN A 392 2.40 -11.15 -17.49
CA ASN A 392 2.27 -12.36 -16.69
C ASN A 392 0.80 -12.64 -16.47
N LEU A 393 0.43 -13.92 -16.49
CA LEU A 393 -0.82 -14.34 -15.95
C LEU A 393 -0.81 -14.06 -14.44
N PRO A 394 -2.00 -13.90 -13.86
CA PRO A 394 -2.18 -13.65 -12.43
C PRO A 394 -1.94 -14.93 -11.63
N VAL A 395 -0.67 -15.28 -11.53
CA VAL A 395 -0.26 -16.43 -10.80
C VAL A 395 0.85 -15.97 -9.90
N LEU A 396 0.56 -15.94 -8.61
CA LEU A 396 1.35 -15.22 -7.68
C LEU A 396 2.75 -15.81 -7.51
N THR A 397 2.83 -17.13 -7.48
CA THR A 397 4.05 -17.81 -7.08
C THR A 397 4.92 -18.22 -8.24
N GLN A 398 4.36 -18.17 -9.47
CA GLN A 398 5.02 -18.72 -10.65
C GLN A 398 5.18 -17.64 -11.70
N ASN A 399 6.30 -17.70 -12.40
CA ASN A 399 6.63 -16.71 -13.46
C ASN A 399 5.99 -17.16 -14.78
N ASP A 400 4.68 -16.94 -14.85
CA ASP A 400 3.84 -17.57 -15.86
C ASP A 400 3.42 -16.56 -16.90
N LEU A 401 4.00 -16.68 -18.09
CA LEU A 401 3.75 -15.71 -19.16
C LEU A 401 2.46 -16.05 -19.85
N SER A 402 1.72 -15.03 -20.24
CA SER A 402 0.37 -15.23 -20.77
C SER A 402 0.38 -15.80 -22.20
N HIS A 403 1.18 -15.18 -23.05
CA HIS A 403 1.21 -15.51 -24.50
C HIS A 403 2.38 -14.81 -25.10
N PHE A 404 2.82 -15.27 -26.27
CA PHE A 404 4.14 -14.92 -26.77
C PHE A 404 4.05 -14.86 -28.29
N PRO A 405 3.50 -13.77 -28.82
CA PRO A 405 3.29 -13.64 -30.25
C PRO A 405 4.59 -13.47 -31.03
N ILE A 406 4.82 -14.34 -32.02
CA ILE A 406 5.98 -14.23 -32.89
C ILE A 406 5.63 -14.35 -34.37
N HIS A 407 6.60 -13.95 -35.20
CA HIS A 407 6.65 -14.35 -36.60
C HIS A 407 7.82 -15.26 -36.76
N LEU A 408 7.70 -16.25 -37.65
CA LEU A 408 8.81 -17.15 -37.98
C LEU A 408 9.91 -16.42 -38.75
N GLY A 409 9.52 -15.39 -39.51
CA GLY A 409 10.48 -14.55 -40.26
C GLY A 409 10.95 -15.20 -41.56
N ARG A 410 11.74 -14.44 -42.33
CA ARG A 410 12.36 -14.97 -43.55
N PRO B 5 -0.60 -1.05 -5.65
CA PRO B 5 -1.41 -2.28 -5.70
C PRO B 5 -2.73 -2.18 -4.91
N HIS B 6 -3.82 -2.69 -5.48
CA HIS B 6 -5.16 -2.51 -4.91
C HIS B 6 -5.21 -2.90 -3.46
N SER B 7 -5.79 -2.02 -2.64
CA SER B 7 -6.08 -2.33 -1.24
C SER B 7 -7.47 -1.84 -0.89
N ASP B 8 -8.11 -2.54 0.04
CA ASP B 8 -9.46 -2.16 0.50
C ASP B 8 -9.38 -1.33 1.78
N THR B 9 -8.16 -1.09 2.24
CA THR B 9 -7.91 -0.09 3.29
C THR B 9 -6.96 0.97 2.75
N LEU B 10 -7.31 2.24 2.97
CA LEU B 10 -6.49 3.32 2.47
C LEU B 10 -5.67 3.91 3.59
N THR B 11 -4.35 3.71 3.51
CA THR B 11 -3.44 4.27 4.51
C THR B 11 -3.22 5.75 4.23
N ILE B 12 -3.57 6.60 5.20
CA ILE B 12 -3.24 8.00 5.11
C ILE B 12 -1.74 8.18 5.34
N ASP B 13 -1.02 8.62 4.30
CA ASP B 13 0.40 8.89 4.37
C ASP B 13 0.65 10.09 5.32
N PRO B 14 1.33 9.86 6.45
CA PRO B 14 1.60 10.96 7.38
C PRO B 14 2.68 11.98 6.90
N MET B 15 3.38 11.67 5.80
CA MET B 15 4.38 12.60 5.20
C MET B 15 3.73 13.47 4.14
N ILE B 16 2.45 13.21 3.87
CA ILE B 16 1.66 14.04 2.97
C ILE B 16 2.35 14.20 1.61
N THR B 17 2.88 13.10 1.08
CA THR B 17 3.64 13.11 -0.18
C THR B 17 2.74 13.20 -1.41
N ASP B 18 1.52 12.71 -1.32
CA ASP B 18 0.59 12.77 -2.45
C ASP B 18 -0.82 13.09 -1.97
N LEU B 19 -1.04 14.33 -1.54
CA LEU B 19 -2.33 14.74 -1.05
C LEU B 19 -3.41 14.69 -2.15
N ALA B 20 -3.05 15.12 -3.35
CA ALA B 20 -3.99 15.08 -4.51
C ALA B 20 -4.40 13.66 -4.81
N GLY B 21 -3.41 12.77 -4.96
CA GLY B 21 -3.69 11.36 -5.22
C GLY B 21 -4.50 10.76 -4.11
N GLU B 22 -4.16 11.10 -2.89
CA GLU B 22 -4.82 10.52 -1.77
C GLU B 22 -6.28 11.02 -1.68
N THR B 23 -6.48 12.32 -1.90
CA THR B 23 -7.82 12.91 -1.84
C THR B 23 -8.75 12.29 -2.97
N SER B 24 -8.19 12.09 -4.15
CA SER B 24 -8.96 11.48 -5.25
C SER B 24 -9.30 10.01 -4.95
N ARG B 25 -8.35 9.27 -4.39
CA ARG B 25 -8.60 7.87 -4.00
C ARG B 25 -9.72 7.78 -2.96
N LEU B 26 -9.72 8.70 -1.99
CA LEU B 26 -10.78 8.75 -0.97
C LEU B 26 -12.12 9.03 -1.60
N ARG B 27 -12.16 9.97 -2.54
CA ARG B 27 -13.40 10.29 -3.25
C ARG B 27 -13.90 9.06 -4.00
N ALA B 28 -12.98 8.37 -4.66
CA ALA B 28 -13.34 7.23 -5.53
C ALA B 28 -13.80 6.05 -4.70
N ALA B 29 -13.26 5.91 -3.51
CA ALA B 29 -13.58 4.77 -2.65
C ALA B 29 -14.85 5.04 -1.79
N GLY B 30 -15.34 6.28 -1.85
CA GLY B 30 -16.36 6.75 -0.90
C GLY B 30 -17.76 6.44 -1.38
N PRO B 31 -18.79 6.97 -0.68
CA PRO B 31 -18.69 8.04 0.35
C PRO B 31 -18.31 7.58 1.77
N LEU B 32 -18.22 6.26 1.99
CA LEU B 32 -17.77 5.70 3.26
C LEU B 32 -16.74 4.60 2.96
N THR B 33 -15.54 4.76 3.46
CA THR B 33 -14.48 3.84 3.14
C THR B 33 -13.52 3.63 4.32
N ARG B 34 -12.85 2.48 4.34
CA ARG B 34 -11.94 2.14 5.43
C ARG B 34 -10.62 2.83 5.26
N ILE B 35 -10.12 3.43 6.35
CA ILE B 35 -8.79 4.01 6.35
C ILE B 35 -7.94 3.49 7.49
N ASP B 36 -6.66 3.76 7.39
CA ASP B 36 -5.70 3.37 8.40
C ASP B 36 -4.92 4.62 8.82
N LEU B 37 -5.00 4.95 10.10
CA LEU B 37 -4.34 6.12 10.67
C LEU B 37 -3.19 5.64 11.57
N LEU B 38 -1.98 5.61 11.01
CA LEU B 38 -0.80 5.12 11.74
C LEU B 38 -1.07 3.79 12.50
N GLY B 39 -1.63 2.80 11.79
CA GLY B 39 -1.85 1.48 12.35
C GLY B 39 -3.19 1.30 13.04
N VAL B 40 -4.02 2.34 13.01
CA VAL B 40 -5.34 2.31 13.66
C VAL B 40 -6.46 2.46 12.65
N PRO B 41 -7.40 1.50 12.62
CA PRO B 41 -8.47 1.48 11.62
C PRO B 41 -9.60 2.43 11.97
N ALA B 42 -10.17 3.08 10.96
CA ALA B 42 -11.36 3.88 11.13
C ALA B 42 -12.10 3.95 9.81
N LEU B 43 -13.35 4.40 9.87
CA LEU B 43 -14.09 4.75 8.64
C LEU B 43 -13.96 6.24 8.33
N ALA B 44 -13.69 6.55 7.06
CA ALA B 44 -13.71 7.91 6.58
C ALA B 44 -15.00 8.20 5.80
N VAL B 45 -15.61 9.33 6.12
CA VAL B 45 -16.71 9.83 5.37
C VAL B 45 -16.20 10.84 4.35
N THR B 46 -16.36 10.51 3.06
CA THR B 46 -15.72 11.26 1.98
C THR B 46 -16.72 11.92 1.06
N GLY B 47 -18.01 11.73 1.36
CA GLY B 47 -19.08 12.28 0.54
C GLY B 47 -19.85 13.36 1.26
N HIS B 48 -20.29 14.37 0.49
CA HIS B 48 -20.94 15.57 1.03
C HIS B 48 -22.26 15.27 1.69
N THR B 49 -23.17 14.63 0.95
CA THR B 49 -24.50 14.31 1.49
C THR B 49 -24.44 13.39 2.72
N LEU B 50 -23.66 12.31 2.62
CA LEU B 50 -23.50 11.37 3.76
C LEU B 50 -22.87 12.07 4.97
N ALA B 51 -21.90 12.95 4.73
CA ALA B 51 -21.32 13.75 5.83
C ALA B 51 -22.40 14.51 6.58
N ARG B 52 -23.25 15.21 5.83
CA ARG B 52 -24.27 16.06 6.42
C ARG B 52 -25.25 15.27 7.28
N GLN B 53 -25.68 14.12 6.77
CA GLN B 53 -26.51 13.21 7.53
C GLN B 53 -25.84 12.73 8.83
N LEU B 54 -24.57 12.35 8.75
CA LEU B 54 -23.90 11.75 9.90
C LEU B 54 -23.49 12.80 10.94
N LEU B 55 -23.20 14.02 10.49
CA LEU B 55 -22.85 15.12 11.40
C LEU B 55 -24.09 15.63 12.21
N THR B 56 -25.28 15.15 11.83
CA THR B 56 -26.50 15.39 12.60
C THR B 56 -27.06 14.09 13.23
N ASP B 57 -26.34 12.99 13.11
CA ASP B 57 -26.80 11.71 13.67
C ASP B 57 -26.35 11.57 15.13
N THR B 58 -27.32 11.44 16.04
CA THR B 58 -27.05 11.52 17.46
C THR B 58 -26.38 10.25 17.97
N ARG B 59 -26.28 9.24 17.10
CA ARG B 59 -25.61 7.96 17.46
C ARG B 59 -24.09 8.03 17.23
N LEU B 60 -23.63 9.17 16.78
CA LEU B 60 -22.20 9.41 16.62
C LEU B 60 -21.75 10.47 17.61
N VAL B 61 -20.90 10.07 18.55
CA VAL B 61 -20.46 10.96 19.63
C VAL B 61 -18.95 11.17 19.61
N LYS B 62 -18.52 12.23 20.27
CA LYS B 62 -17.12 12.60 20.34
C LYS B 62 -16.43 11.82 21.45
N ASP B 63 -17.19 11.47 22.49
CA ASP B 63 -16.63 10.84 23.72
C ASP B 63 -15.80 9.60 23.40
N ILE B 64 -14.51 9.68 23.73
CA ILE B 64 -13.56 8.63 23.36
C ILE B 64 -13.87 7.32 24.05
N ASN B 65 -14.54 7.39 25.21
CA ASN B 65 -14.92 6.16 25.91
C ASN B 65 -15.92 5.33 25.14
N ALA B 66 -16.49 5.90 24.06
CA ALA B 66 -17.42 5.17 23.17
C ALA B 66 -16.67 4.39 22.10
N TRP B 67 -15.34 4.48 22.13
CA TRP B 67 -14.50 3.86 21.12
C TRP B 67 -14.06 2.50 21.56
N SER B 68 -14.48 1.48 20.80
CA SER B 68 -14.19 0.11 21.20
C SER B 68 -12.68 -0.11 21.38
N LEU B 69 -11.86 0.55 20.55
CA LEU B 69 -10.42 0.36 20.60
C LEU B 69 -9.82 1.05 21.85
N TRP B 70 -10.51 2.07 22.35
CA TRP B 70 -10.15 2.74 23.59
C TRP B 70 -10.59 1.95 24.79
N GLN B 71 -11.78 1.35 24.70
CA GLN B 71 -12.30 0.50 25.76
C GLN B 71 -11.40 -0.72 25.98
N SER B 72 -10.89 -1.26 24.88
CA SER B 72 -10.15 -2.51 24.91
C SER B 72 -8.68 -2.27 25.21
N GLY B 73 -8.27 -1.01 25.18
CA GLY B 73 -6.87 -0.67 25.46
C GLY B 73 -5.97 -0.89 24.26
N THR B 74 -6.58 -1.08 23.09
CA THR B 74 -5.84 -1.30 21.85
C THR B 74 -5.14 -0.02 21.39
N VAL B 75 -5.83 1.11 21.55
CA VAL B 75 -5.20 2.42 21.36
C VAL B 75 -4.92 3.06 22.71
N THR B 76 -3.75 3.70 22.82
CA THR B 76 -3.33 4.35 24.07
C THR B 76 -2.79 5.76 23.79
N ARG B 77 -2.19 6.39 24.82
CA ARG B 77 -1.57 7.71 24.63
C ARG B 77 -0.30 7.64 23.79
N GLN B 78 0.15 6.43 23.44
CA GLN B 78 1.34 6.29 22.61
C GLN B 78 1.04 6.50 21.12
N TRP B 79 -0.24 6.44 20.76
CA TRP B 79 -0.65 6.70 19.37
C TRP B 79 -0.40 8.16 19.03
N PRO B 80 0.34 8.43 17.94
CA PRO B 80 0.75 9.81 17.66
C PRO B 80 -0.37 10.81 17.38
N LEU B 81 -1.58 10.32 17.12
CA LEU B 81 -2.72 11.22 16.84
C LEU B 81 -3.64 11.42 18.07
N ILE B 82 -3.27 10.85 19.19
CA ILE B 82 -4.20 10.74 20.30
C ILE B 82 -4.53 12.13 20.91
N GLY B 83 -3.60 13.07 20.80
CA GLY B 83 -3.82 14.40 21.33
C GLY B 83 -4.89 15.18 20.56
N MET B 84 -5.28 14.65 19.39
CA MET B 84 -6.34 15.30 18.60
C MET B 84 -7.72 14.97 19.14
N ILE B 85 -7.82 13.95 20.00
CA ILE B 85 -9.13 13.50 20.49
C ILE B 85 -9.21 13.31 22.03
N ASP B 86 -8.14 12.80 22.66
CA ASP B 86 -8.17 12.58 24.12
C ASP B 86 -7.81 13.86 24.85
N VAL B 87 -8.78 14.77 24.88
CA VAL B 87 -8.63 16.08 25.49
C VAL B 87 -9.75 16.31 26.52
N ASP B 88 -9.64 17.42 27.25
CA ASP B 88 -10.52 17.69 28.39
C ASP B 88 -11.93 18.05 27.95
N ARG B 89 -12.85 18.08 28.92
CA ARG B 89 -14.22 18.43 28.66
C ARG B 89 -14.33 19.83 28.07
N SER B 90 -15.01 19.94 26.93
CA SER B 90 -15.25 21.23 26.29
C SER B 90 -16.36 21.07 25.22
N MET B 91 -16.70 22.17 24.54
CA MET B 91 -17.67 22.08 23.44
C MET B 91 -17.23 21.02 22.40
N PHE B 92 -15.91 20.81 22.29
CA PHE B 92 -15.35 19.89 21.30
C PHE B 92 -15.69 18.40 21.63
N THR B 93 -15.81 18.08 22.93
CA THR B 93 -15.89 16.63 23.36
C THR B 93 -17.27 16.22 23.86
N VAL B 94 -18.21 17.16 23.86
CA VAL B 94 -19.53 16.94 24.42
C VAL B 94 -20.59 16.87 23.33
N ASP B 95 -21.60 16.05 23.56
CA ASP B 95 -22.77 16.00 22.69
C ASP B 95 -24.06 16.06 23.51
N GLY B 96 -25.16 16.36 22.83
CA GLY B 96 -26.46 16.36 23.46
C GLY B 96 -26.74 17.66 24.18
N PRO B 97 -27.73 17.64 25.10
CA PRO B 97 -28.24 18.84 25.75
C PRO B 97 -27.18 19.66 26.47
N GLU B 98 -26.14 18.99 26.97
CA GLU B 98 -25.04 19.69 27.66
C GLU B 98 -24.20 20.53 26.69
N HIS B 99 -24.20 20.16 25.42
CA HIS B 99 -23.34 20.77 24.45
C HIS B 99 -23.63 22.25 24.27
N ARG B 100 -24.90 22.64 24.24
CA ARG B 100 -25.26 24.03 23.94
C ARG B 100 -24.71 25.00 24.99
N ARG B 101 -24.80 24.61 26.27
CA ARG B 101 -24.27 25.43 27.39
C ARG B 101 -22.80 25.73 27.18
N LEU B 102 -22.09 24.74 26.67
CA LEU B 102 -20.65 24.87 26.49
C LEU B 102 -20.30 25.73 25.27
N ARG B 103 -21.28 25.97 24.38
CA ARG B 103 -21.03 26.76 23.15
C ARG B 103 -21.49 28.22 23.21
N ILE B 104 -22.47 28.51 24.08
CA ILE B 104 -23.32 29.67 23.87
C ILE B 104 -22.58 30.99 24.04
N LYS B 105 -21.82 31.16 25.12
CA LYS B 105 -21.06 32.38 25.29
C LYS B 105 -20.14 32.63 24.08
N THR B 106 -19.55 31.58 23.55
CA THR B 106 -18.59 31.73 22.43
C THR B 106 -19.32 32.16 21.16
N THR B 107 -20.43 31.48 20.86
CA THR B 107 -21.17 31.80 19.65
C THR B 107 -21.72 33.22 19.74
N GLN B 108 -22.17 33.61 20.93
CA GLN B 108 -22.65 34.97 21.13
C GLN B 108 -21.53 35.97 20.92
N ALA B 109 -20.34 35.63 21.39
CA ALA B 109 -19.20 36.54 21.31
C ALA B 109 -18.66 36.68 19.88
N LEU B 110 -18.94 35.70 19.04
CA LEU B 110 -18.30 35.61 17.73
C LEU B 110 -19.30 35.78 16.60
N THR B 111 -20.44 36.41 16.91
CA THR B 111 -21.34 36.86 15.86
C THR B 111 -20.66 37.94 15.05
N ARG B 112 -21.07 38.07 13.79
CA ARG B 112 -20.54 39.11 12.92
C ARG B 112 -20.60 40.48 13.58
N ARG B 113 -21.73 40.82 14.20
CA ARG B 113 -21.92 42.14 14.77
C ARG B 113 -20.96 42.37 15.94
N ARG B 114 -20.86 41.38 16.83
CA ARG B 114 -19.93 41.48 17.96
C ARG B 114 -18.48 41.59 17.47
N LEU B 115 -18.19 40.98 16.32
CA LEU B 115 -16.84 41.01 15.75
C LEU B 115 -16.49 42.39 15.14
N ASP B 116 -17.50 43.23 14.91
CA ASP B 116 -17.27 44.59 14.44
C ASP B 116 -16.30 45.33 15.36
N ALA B 117 -16.41 45.08 16.65
CA ALA B 117 -15.61 45.75 17.66
C ALA B 117 -14.15 45.28 17.60
N LEU B 118 -13.92 44.10 17.02
CA LEU B 118 -12.56 43.55 16.93
C LEU B 118 -11.87 43.97 15.62
N LYS B 119 -12.66 44.52 14.69
CA LYS B 119 -12.17 44.80 13.36
C LYS B 119 -10.91 45.70 13.38
N PRO B 120 -10.95 46.81 14.16
CA PRO B 120 -9.77 47.71 14.24
C PRO B 120 -8.50 46.96 14.63
N THR B 121 -8.60 46.07 15.61
CA THR B 121 -7.45 45.29 16.05
C THR B 121 -6.91 44.45 14.91
N ILE B 122 -7.82 43.74 14.21
CA ILE B 122 -7.39 42.94 13.06
C ILE B 122 -6.69 43.85 12.03
N GLU B 123 -7.28 45.01 11.76
CA GLU B 123 -6.71 45.93 10.80
C GLU B 123 -5.32 46.40 11.22
N ARG B 124 -5.13 46.64 12.52
CA ARG B 124 -3.82 47.05 13.02
C ARG B 124 -2.75 45.95 12.86
N TYR B 125 -3.11 44.72 13.18
CA TYR B 125 -2.18 43.60 13.04
C TYR B 125 -1.83 43.33 11.59
N VAL B 126 -2.83 43.41 10.70
CA VAL B 126 -2.58 43.25 9.26
C VAL B 126 -1.59 44.31 8.76
N ALA B 127 -1.81 45.56 9.17
CA ALA B 127 -0.94 46.66 8.76
C ALA B 127 0.48 46.47 9.30
N GLU B 128 0.58 46.08 10.56
CA GLU B 128 1.90 45.79 11.20
C GLU B 128 2.67 44.72 10.47
N LEU B 129 2.01 43.64 10.08
CA LEU B 129 2.68 42.50 9.47
C LEU B 129 3.01 42.76 7.98
N LEU B 130 2.22 43.63 7.35
CA LEU B 130 2.54 44.10 6.00
C LEU B 130 3.76 45.03 6.03
N ASP B 131 3.87 45.86 7.08
CA ASP B 131 5.09 46.64 7.30
C ASP B 131 6.32 45.68 7.36
N ASP B 132 6.17 44.58 8.09
CA ASP B 132 7.25 43.55 8.25
C ASP B 132 7.59 42.95 6.89
N LEU B 133 6.56 42.66 6.11
CA LEU B 133 6.71 42.13 4.75
C LEU B 133 7.52 43.11 3.89
N GLU B 134 7.19 44.41 3.98
CA GLU B 134 7.88 45.42 3.18
C GLU B 134 9.36 45.45 3.55
N ARG B 135 9.62 45.46 4.87
CA ARG B 135 10.98 45.44 5.40
C ARG B 135 11.73 44.18 4.94
N ALA B 136 11.06 43.02 5.04
CA ALA B 136 11.72 41.74 4.73
C ALA B 136 12.03 41.64 3.23
N GLY B 137 11.13 42.18 2.40
CA GLY B 137 11.22 42.03 0.96
C GLY B 137 11.97 43.17 0.28
N ALA B 138 12.67 43.98 1.08
CA ALA B 138 13.45 45.09 0.55
C ALA B 138 14.57 44.60 -0.38
N ASP B 139 14.97 45.47 -1.30
CA ASP B 139 16.03 45.19 -2.26
C ASP B 139 15.80 43.87 -2.99
N GLY B 140 14.52 43.57 -3.25
CA GLY B 140 14.13 42.44 -4.08
C GLY B 140 14.35 41.09 -3.44
N ALA B 141 14.47 41.05 -2.13
CA ALA B 141 14.91 39.82 -1.45
C ALA B 141 13.73 38.82 -1.41
N VAL B 142 14.03 37.52 -1.42
CA VAL B 142 12.96 36.49 -1.27
C VAL B 142 12.50 36.43 0.18
N VAL B 143 11.18 36.46 0.37
CA VAL B 143 10.55 36.50 1.70
C VAL B 143 9.64 35.28 1.89
N ASP B 144 9.56 34.75 3.11
CA ASP B 144 8.57 33.73 3.43
C ASP B 144 7.25 34.39 3.87
N LEU B 145 6.26 34.37 2.99
CA LEU B 145 4.93 34.90 3.33
C LEU B 145 4.33 34.26 4.61
N LYS B 146 4.67 33.00 4.88
CA LYS B 146 4.10 32.33 6.04
C LYS B 146 4.69 32.91 7.33
N SER B 147 6.00 32.76 7.51
CA SER B 147 6.62 33.20 8.78
C SER B 147 6.44 34.70 9.03
N VAL B 148 6.42 35.51 7.94
CA VAL B 148 6.38 36.97 8.12
C VAL B 148 4.96 37.50 8.34
N PHE B 149 3.96 36.87 7.68
CA PHE B 149 2.61 37.44 7.59
C PHE B 149 1.51 36.48 8.08
N ALA B 150 1.32 35.35 7.39
CA ALA B 150 0.13 34.47 7.63
C ALA B 150 0.20 33.73 8.96
N TYR B 151 1.39 33.28 9.34
CA TYR B 151 1.60 32.53 10.59
C TYR B 151 1.33 33.37 11.87
N PRO B 152 1.90 34.58 11.95
CA PRO B 152 1.65 35.36 13.16
C PRO B 152 0.23 35.94 13.27
N LEU B 153 -0.38 36.33 12.15
CA LEU B 153 -1.61 37.12 12.21
C LEU B 153 -2.72 36.45 13.04
N PRO B 154 -3.08 35.19 12.71
CA PRO B 154 -4.21 34.60 13.43
C PRO B 154 -3.95 34.41 14.93
N MET B 155 -2.68 34.24 15.30
CA MET B 155 -2.33 34.08 16.71
C MET B 155 -2.54 35.41 17.41
N ARG B 156 -2.11 36.50 16.79
N ARG B 156 -2.09 36.49 16.80
CA ARG B 156 -2.31 37.85 17.32
CA ARG B 156 -2.29 37.81 17.39
C ARG B 156 -3.81 38.08 17.55
C ARG B 156 -3.80 38.10 17.56
N VAL B 157 -4.60 37.74 16.55
CA VAL B 157 -6.05 38.02 16.58
C VAL B 157 -6.75 37.18 17.65
N ILE B 158 -6.50 35.88 17.66
CA ILE B 158 -7.16 35.00 18.63
C ILE B 158 -6.68 35.34 20.08
N SER B 159 -5.40 35.70 20.19
CA SER B 159 -4.83 36.12 21.48
C SER B 159 -5.48 37.37 22.01
N ALA B 160 -5.72 38.35 21.13
CA ALA B 160 -6.42 39.58 21.54
C ALA B 160 -7.82 39.23 22.06
N LEU B 161 -8.51 38.36 21.34
CA LEU B 161 -9.87 37.99 21.71
C LEU B 161 -9.92 37.25 23.08
N MET B 162 -8.99 36.32 23.31
CA MET B 162 -9.07 35.45 24.48
C MET B 162 -8.31 36.03 25.68
N GLY B 163 -7.37 36.92 25.41
CA GLY B 163 -6.58 37.57 26.46
C GLY B 163 -5.23 36.93 26.70
N VAL B 164 -4.63 36.37 25.65
CA VAL B 164 -3.28 35.88 25.74
C VAL B 164 -2.26 37.02 25.58
N PRO B 165 -1.42 37.22 26.61
CA PRO B 165 -0.43 38.29 26.58
C PRO B 165 0.48 38.23 25.34
N SER B 166 0.79 39.40 24.80
CA SER B 166 1.68 39.51 23.64
C SER B 166 2.94 38.66 23.82
N GLU B 167 3.52 38.71 25.02
CA GLU B 167 4.82 38.13 25.25
C GLU B 167 4.79 36.58 25.31
N ASP B 168 3.60 35.98 25.38
CA ASP B 168 3.47 34.51 25.51
C ASP B 168 3.21 33.83 24.17
N GLN B 169 2.94 34.61 23.14
CA GLN B 169 2.43 34.06 21.91
C GLN B 169 3.48 33.22 21.14
N GLU B 170 4.73 33.62 21.24
CA GLU B 170 5.81 32.90 20.57
C GLU B 170 5.94 31.46 21.15
N GLN B 171 5.84 31.33 22.46
CA GLN B 171 5.86 30.02 23.10
C GLN B 171 4.67 29.17 22.71
N LEU B 172 3.49 29.78 22.58
CA LEU B 172 2.31 29.01 22.13
C LEU B 172 2.54 28.45 20.72
N LEU B 173 3.07 29.27 19.82
CA LEU B 173 3.36 28.85 18.44
C LEU B 173 4.35 27.69 18.42
N THR B 174 5.38 27.79 19.26
CA THR B 174 6.37 26.73 19.38
C THR B 174 5.72 25.41 19.82
N TRP B 175 4.85 25.48 20.82
CA TRP B 175 4.15 24.29 21.31
C TRP B 175 3.30 23.69 20.22
N TYR B 176 2.47 24.50 19.57
CA TYR B 176 1.57 24.00 18.51
C TYR B 176 2.32 23.33 17.36
N LYS B 177 3.42 23.91 16.95
CA LYS B 177 4.23 23.32 15.88
C LYS B 177 4.68 21.88 16.30
N ALA B 178 5.17 21.74 17.53
CA ALA B 178 5.50 20.41 18.07
C ALA B 178 4.28 19.52 18.16
N PHE B 179 3.17 20.08 18.63
CA PHE B 179 1.96 19.30 18.80
C PHE B 179 1.50 18.71 17.44
N PHE B 180 1.53 19.53 16.39
CA PHE B 180 0.95 19.15 15.08
C PHE B 180 1.86 18.27 14.23
N SER B 181 3.18 18.37 14.39
CA SER B 181 4.10 17.63 13.54
C SER B 181 4.12 16.14 13.87
N ILE B 182 3.96 15.32 12.86
CA ILE B 182 3.98 13.89 13.07
C ILE B 182 5.37 13.48 13.49
N LEU B 183 6.38 14.27 13.10
CA LEU B 183 7.75 13.93 13.43
C LEU B 183 8.08 14.08 14.95
N THR B 184 7.35 14.93 15.68
CA THR B 184 7.64 15.11 17.13
C THR B 184 7.64 13.76 17.83
N PRO B 185 8.74 13.42 18.56
CA PRO B 185 8.69 12.18 19.35
C PRO B 185 7.50 12.17 20.29
N GLN B 186 6.84 11.02 20.42
CA GLN B 186 5.56 10.95 21.15
C GLN B 186 5.74 11.37 22.61
N ASP B 187 6.85 10.99 23.23
CA ASP B 187 7.08 11.40 24.63
C ASP B 187 7.18 12.93 24.73
N GLU B 188 7.82 13.55 23.75
N GLU B 188 7.82 13.55 23.75
CA GLU B 188 7.97 14.99 23.72
CA GLU B 188 7.97 14.98 23.71
C GLU B 188 6.63 15.63 23.44
C GLU B 188 6.63 15.64 23.43
N ARG B 189 5.85 15.03 22.54
CA ARG B 189 4.51 15.56 22.23
C ARG B 189 3.60 15.55 23.45
N LEU B 190 3.64 14.47 24.21
CA LEU B 190 2.84 14.34 25.42
C LEU B 190 3.28 15.35 26.50
N ARG B 191 4.57 15.60 26.58
CA ARG B 191 5.08 16.65 27.47
C ARG B 191 4.54 18.02 27.02
N VAL B 192 4.60 18.30 25.71
CA VAL B 192 4.14 19.59 25.19
C VAL B 192 2.65 19.80 25.49
N ILE B 193 1.88 18.73 25.35
CA ILE B 193 0.44 18.72 25.69
C ILE B 193 0.21 19.07 27.19
N ASP B 194 1.01 18.48 28.07
CA ASP B 194 0.94 18.81 29.49
C ASP B 194 1.36 20.27 29.73
N GLU B 195 2.36 20.72 29.00
CA GLU B 195 2.87 22.07 29.21
C GLU B 195 1.85 23.10 28.73
N MET B 196 1.23 22.84 27.59
CA MET B 196 0.15 23.67 27.10
C MET B 196 -0.99 23.72 28.11
N HIS B 197 -1.36 22.57 28.67
N HIS B 197 -1.36 22.57 28.66
CA HIS B 197 -2.45 22.54 29.63
CA HIS B 197 -2.44 22.50 29.65
C HIS B 197 -2.11 23.37 30.85
C HIS B 197 -2.10 23.36 30.83
N GLY B 198 -0.88 23.22 31.33
CA GLY B 198 -0.40 24.02 32.46
C GLY B 198 -0.47 25.52 32.20
N TYR B 199 -0.11 25.94 30.99
CA TYR B 199 -0.16 27.35 30.63
C TYR B 199 -1.59 27.91 30.75
N PHE B 200 -2.53 27.24 30.11
CA PHE B 200 -3.89 27.73 30.03
C PHE B 200 -4.60 27.62 31.37
N THR B 201 -4.20 26.65 32.18
CA THR B 201 -4.73 26.54 33.55
C THR B 201 -4.36 27.81 34.33
N GLU B 202 -3.10 28.20 34.26
CA GLU B 202 -2.65 29.42 34.95
C GLU B 202 -3.29 30.69 34.36
N MET B 203 -3.47 30.70 33.04
CA MET B 203 -4.11 31.84 32.39
C MET B 203 -5.52 32.03 32.96
N VAL B 204 -6.25 30.93 33.11
CA VAL B 204 -7.61 30.99 33.65
C VAL B 204 -7.56 31.44 35.13
N ARG B 205 -6.58 30.97 35.89
CA ARG B 205 -6.42 31.45 37.26
C ARG B 205 -6.12 32.95 37.28
N ARG B 206 -5.29 33.40 36.35
CA ARG B 206 -4.95 34.81 36.24
C ARG B 206 -6.20 35.67 35.93
N LYS B 207 -7.01 35.21 34.98
CA LYS B 207 -8.24 35.91 34.59
C LYS B 207 -9.35 35.83 35.66
N THR B 208 -9.33 34.76 36.47
CA THR B 208 -10.27 34.65 37.60
C THR B 208 -9.98 35.74 38.63
N ALA B 209 -8.69 35.95 38.91
CA ALA B 209 -8.25 36.95 39.90
C ALA B 209 -8.38 38.38 39.36
N GLU B 210 -8.13 38.55 38.07
CA GLU B 210 -8.20 39.85 37.45
C GLU B 210 -8.82 39.75 36.07
N PRO B 211 -10.16 39.67 36.01
CA PRO B 211 -10.86 39.55 34.74
C PRO B 211 -10.73 40.82 33.89
N GLY B 212 -10.86 40.66 32.58
CA GLY B 212 -10.74 41.78 31.67
C GLY B 212 -11.77 41.76 30.54
N ASP B 213 -11.53 42.56 29.52
CA ASP B 213 -12.43 42.64 28.37
C ASP B 213 -11.99 41.63 27.34
N ASP B 214 -12.24 40.36 27.62
CA ASP B 214 -11.86 39.26 26.75
C ASP B 214 -12.80 38.09 26.94
N LEU B 215 -12.81 37.18 25.97
CA LEU B 215 -13.75 36.07 25.99
C LEU B 215 -13.48 35.10 27.17
N THR B 216 -12.22 34.88 27.51
CA THR B 216 -11.88 33.98 28.60
C THR B 216 -12.58 34.43 29.88
N SER B 217 -12.43 35.71 30.21
CA SER B 217 -13.12 36.30 31.35
C SER B 217 -14.65 36.03 31.28
N ALA B 218 -15.21 36.17 30.08
CA ALA B 218 -16.64 35.93 29.88
C ALA B 218 -17.02 34.45 30.16
N LEU B 219 -16.16 33.51 29.76
CA LEU B 219 -16.38 32.09 30.09
C LEU B 219 -16.30 31.85 31.59
N ILE B 220 -15.42 32.58 32.26
CA ILE B 220 -15.24 32.44 33.73
C ILE B 220 -16.45 33.01 34.44
N TYR B 221 -16.84 34.21 34.02
CA TYR B 221 -17.90 34.92 34.70
C TYR B 221 -19.12 35.15 33.78
N ALA B 222 -20.06 34.21 33.85
CA ALA B 222 -21.29 34.27 33.04
C ALA B 222 -22.33 35.20 33.66
N THR B 223 -23.40 35.44 32.91
CA THR B 223 -24.24 36.64 33.11
C THR B 223 -25.00 36.70 34.44
N ASP B 224 -24.97 35.61 35.20
CA ASP B 224 -25.71 35.56 36.46
C ASP B 224 -27.06 34.89 36.25
N GLY B 225 -27.11 33.59 36.53
CA GLY B 225 -28.21 32.74 36.08
C GLY B 225 -27.67 31.38 35.71
N GLU B 226 -26.63 31.37 34.88
CA GLU B 226 -25.69 30.24 34.84
C GLU B 226 -26.39 28.92 34.40
N THR B 227 -25.88 27.75 34.84
CA THR B 227 -24.89 27.63 35.91
C THR B 227 -23.45 27.72 35.38
N PRO B 228 -22.52 28.12 36.26
CA PRO B 228 -21.16 28.46 35.86
C PRO B 228 -20.47 27.30 35.18
N LEU B 229 -19.50 27.60 34.33
CA LEU B 229 -18.65 26.57 33.75
C LEU B 229 -17.63 26.13 34.78
N THR B 230 -17.28 24.86 34.75
CA THR B 230 -16.25 24.33 35.64
C THR B 230 -14.89 24.84 35.19
N GLU B 231 -13.87 24.75 36.05
N GLU B 231 -13.88 24.63 36.04
CA GLU B 231 -12.55 25.22 35.66
CA GLU B 231 -12.48 24.95 35.72
C GLU B 231 -12.22 24.52 34.36
C GLU B 231 -11.96 24.12 34.54
N GLU B 232 -12.50 23.24 34.34
N GLU B 232 -12.52 22.94 34.34
CA GLU B 232 -12.01 22.36 33.29
CA GLU B 232 -12.10 22.10 33.24
C GLU B 232 -12.69 22.64 31.95
C GLU B 232 -12.71 22.58 31.94
N GLU B 233 -13.98 22.99 32.01
CA GLU B 233 -14.71 23.43 30.85
C GLU B 233 -14.20 24.76 30.31
N VAL B 234 -13.87 25.68 31.18
CA VAL B 234 -13.33 26.96 30.75
C VAL B 234 -11.98 26.75 30.06
N ILE B 235 -11.08 26.01 30.72
CA ILE B 235 -9.76 25.72 30.17
C ILE B 235 -9.90 24.95 28.84
N GLY B 236 -10.81 24.00 28.82
CA GLY B 236 -11.06 23.22 27.64
C GLY B 236 -11.48 24.08 26.44
N ASN B 237 -12.48 24.92 26.64
CA ASN B 237 -12.93 25.86 25.59
C ASN B 237 -11.81 26.79 25.18
N LEU B 238 -11.12 27.36 26.17
CA LEU B 238 -10.00 28.26 25.92
C LEU B 238 -9.01 27.62 24.95
N GLN B 239 -8.53 26.41 25.30
CA GLN B 239 -7.46 25.76 24.53
C GLN B 239 -7.94 25.42 23.12
N ALA B 240 -9.19 24.96 23.02
CA ALA B 240 -9.80 24.67 21.74
C ALA B 240 -9.84 25.90 20.86
N LEU B 241 -10.33 27.01 21.41
CA LEU B 241 -10.50 28.23 20.62
C LEU B 241 -9.13 28.75 20.09
N VAL B 242 -8.11 28.70 20.94
CA VAL B 242 -6.79 29.19 20.54
C VAL B 242 -6.17 28.25 19.47
N ALA B 243 -6.16 26.94 19.76
CA ALA B 243 -5.57 25.95 18.84
C ALA B 243 -6.20 26.06 17.46
N ALA B 244 -7.54 26.01 17.42
CA ALA B 244 -8.29 26.04 16.19
C ALA B 244 -8.17 27.39 15.53
N GLY B 245 -8.30 28.42 16.33
CA GLY B 245 -8.32 29.79 15.83
C GLY B 245 -7.04 30.15 15.13
N HIS B 246 -5.93 29.67 15.67
CA HIS B 246 -4.63 29.87 15.01
C HIS B 246 -4.41 28.97 13.79
N GLU B 247 -4.43 27.66 14.00
CA GLU B 247 -3.94 26.68 13.01
C GLU B 247 -4.73 26.72 11.68
N THR B 248 -6.06 26.81 11.75
CA THR B 248 -6.87 26.77 10.54
C THR B 248 -6.68 27.99 9.72
N THR B 249 -6.71 29.13 10.39
CA THR B 249 -6.73 30.43 9.71
C THR B 249 -5.43 30.69 8.95
N VAL B 250 -4.31 30.25 9.51
CA VAL B 250 -3.01 30.34 8.81
C VAL B 250 -3.12 29.70 7.46
N SER B 251 -3.67 28.48 7.43
CA SER B 251 -3.77 27.73 6.19
C SER B 251 -4.69 28.44 5.23
N LEU B 252 -5.81 28.98 5.73
CA LEU B 252 -6.78 29.64 4.86
C LEU B 252 -6.16 30.82 4.11
N ILE B 253 -5.35 31.58 4.82
CA ILE B 253 -4.69 32.72 4.22
C ILE B 253 -3.69 32.28 3.17
N LEU B 254 -2.84 31.31 3.51
CA LEU B 254 -1.80 30.86 2.59
C LEU B 254 -2.36 30.22 1.30
N THR B 255 -3.37 29.35 1.45
CA THR B 255 -3.97 28.68 0.29
C THR B 255 -4.75 29.64 -0.59
N ALA B 256 -5.37 30.64 0.02
CA ALA B 256 -6.08 31.66 -0.75
C ALA B 256 -5.12 32.41 -1.65
N VAL B 257 -3.97 32.84 -1.06
CA VAL B 257 -2.94 33.52 -1.82
C VAL B 257 -2.36 32.63 -2.92
N ARG B 258 -2.11 31.35 -2.60
CA ARG B 258 -1.55 30.43 -3.58
C ARG B 258 -2.55 30.22 -4.72
N ALA B 259 -3.81 30.03 -4.36
CA ALA B 259 -4.87 29.82 -5.35
C ALA B 259 -5.01 31.03 -6.31
N LEU B 260 -5.11 32.23 -5.75
CA LEU B 260 -5.26 33.45 -6.56
C LEU B 260 -3.99 33.75 -7.38
N LEU B 261 -2.81 33.52 -6.80
CA LEU B 261 -1.55 33.71 -7.54
C LEU B 261 -1.37 32.68 -8.70
N SER B 262 -1.89 31.47 -8.53
CA SER B 262 -1.82 30.46 -9.60
C SER B 262 -2.99 30.55 -10.58
N HIS B 263 -3.98 31.40 -10.26
CA HIS B 263 -5.11 31.69 -11.20
C HIS B 263 -5.29 33.19 -11.31
N PRO B 264 -4.27 33.87 -11.87
CA PRO B 264 -4.19 35.34 -11.87
C PRO B 264 -5.42 36.03 -12.49
N GLU B 265 -6.11 35.33 -13.40
CA GLU B 265 -7.32 35.86 -14.02
C GLU B 265 -8.42 36.03 -12.97
N GLN B 266 -8.41 35.13 -11.97
CA GLN B 266 -9.39 35.14 -10.92
C GLN B 266 -8.97 36.15 -9.83
N LEU B 267 -7.67 36.32 -9.62
CA LEU B 267 -7.20 37.42 -8.78
C LEU B 267 -7.68 38.76 -9.37
N ARG B 268 -7.64 38.89 -10.67
CA ARG B 268 -8.06 40.14 -11.31
C ARG B 268 -9.57 40.40 -11.04
N LEU B 269 -10.38 39.35 -11.15
CA LEU B 269 -11.84 39.47 -10.90
C LEU B 269 -12.14 40.08 -9.53
N VAL B 270 -11.40 39.66 -8.50
CA VAL B 270 -11.62 40.20 -7.15
C VAL B 270 -11.00 41.59 -6.98
N ARG B 271 -9.81 41.80 -7.55
CA ARG B 271 -9.16 43.12 -7.49
C ARG B 271 -10.05 44.17 -8.18
N ASP B 272 -10.70 43.80 -9.27
CA ASP B 272 -11.50 44.74 -10.06
C ASP B 272 -12.97 44.76 -9.62
N GLY B 273 -13.30 44.01 -8.58
CA GLY B 273 -14.61 44.11 -7.92
C GLY B 273 -15.73 43.38 -8.65
N GLU B 274 -15.39 42.49 -9.57
CA GLU B 274 -16.38 41.73 -10.32
C GLU B 274 -16.86 40.49 -9.54
N ILE B 275 -15.98 39.95 -8.73
CA ILE B 275 -16.34 38.91 -7.76
C ILE B 275 -15.83 39.37 -6.41
N GLY B 276 -16.58 39.05 -5.36
CA GLY B 276 -16.20 39.47 -3.99
C GLY B 276 -15.03 38.68 -3.42
N TRP B 277 -14.21 39.33 -2.62
CA TRP B 277 -13.15 38.64 -1.93
C TRP B 277 -13.69 37.52 -1.12
N GLU B 278 -14.87 37.75 -0.53
CA GLU B 278 -15.52 36.74 0.33
C GLU B 278 -15.85 35.48 -0.47
N THR B 279 -16.21 35.63 -1.72
CA THR B 279 -16.48 34.49 -2.60
C THR B 279 -15.20 33.71 -2.91
N ALA B 280 -14.12 34.44 -3.16
CA ALA B 280 -12.82 33.82 -3.40
C ALA B 280 -12.44 32.98 -2.19
N ILE B 281 -12.72 33.49 -1.00
CA ILE B 281 -12.43 32.79 0.22
C ILE B 281 -13.31 31.52 0.38
N GLU B 282 -14.57 31.60 -0.01
CA GLU B 282 -15.46 30.42 0.08
C GLU B 282 -14.99 29.30 -0.86
N GLU B 283 -14.58 29.66 -2.08
CA GLU B 283 -14.06 28.66 -3.02
C GLU B 283 -12.75 28.05 -2.50
N THR B 284 -11.93 28.87 -1.83
CA THR B 284 -10.70 28.34 -1.23
C THR B 284 -11.01 27.31 -0.14
N LEU B 285 -12.02 27.60 0.66
CA LEU B 285 -12.44 26.70 1.72
C LEU B 285 -12.91 25.37 1.14
N ARG B 286 -13.64 25.45 0.02
CA ARG B 286 -14.17 24.26 -0.65
C ARG B 286 -13.06 23.44 -1.27
N TRP B 287 -12.11 24.13 -1.92
CA TRP B 287 -11.14 23.49 -2.81
C TRP B 287 -9.85 23.09 -2.09
N ASP B 288 -9.41 23.90 -1.14
CA ASP B 288 -8.04 23.76 -0.56
C ASP B 288 -8.03 24.24 0.88
N GLY B 289 -8.95 23.69 1.67
CA GLY B 289 -9.29 24.24 2.96
C GLY B 289 -8.38 23.79 4.07
N PRO B 290 -8.57 24.38 5.25
CA PRO B 290 -7.65 24.14 6.35
C PRO B 290 -7.66 22.74 6.90
N VAL B 291 -8.79 22.07 6.81
CA VAL B 291 -8.94 20.74 7.39
C VAL B 291 -8.86 19.66 6.31
N ILE B 292 -8.00 18.66 6.53
CA ILE B 292 -7.98 17.47 5.66
C ILE B 292 -8.88 16.37 6.23
N HIS B 293 -8.65 16.02 7.49
CA HIS B 293 -9.47 15.02 8.21
C HIS B 293 -9.80 15.54 9.57
N LEU B 294 -11.01 15.23 10.05
CA LEU B 294 -11.39 15.52 11.42
C LEU B 294 -11.65 14.23 12.22
N LEU B 295 -10.79 14.01 13.22
CA LEU B 295 -10.92 12.93 14.18
C LEU B 295 -11.67 13.48 15.41
N MET B 296 -12.62 12.73 16.00
CA MET B 296 -13.14 11.49 15.45
C MET B 296 -14.46 11.23 16.18
N ARG B 297 -15.38 10.50 15.54
CA ARG B 297 -16.68 10.22 16.13
C ARG B 297 -16.87 8.72 16.28
N PHE B 298 -17.74 8.30 17.19
CA PHE B 298 -17.90 6.88 17.51
C PHE B 298 -19.38 6.52 17.63
N ALA B 299 -19.70 5.30 17.20
CA ALA B 299 -21.07 4.85 17.12
C ALA B 299 -21.52 4.24 18.46
N THR B 300 -22.52 4.86 19.08
CA THR B 300 -23.07 4.39 20.37
C THR B 300 -23.95 3.12 20.18
N GLU B 301 -24.30 2.86 18.93
CA GLU B 301 -24.96 1.62 18.56
C GLU B 301 -24.76 1.43 17.05
N ASP B 302 -25.25 0.32 16.52
CA ASP B 302 -25.15 0.06 15.08
C ASP B 302 -25.91 1.12 14.30
N ILE B 303 -25.32 1.58 13.20
CA ILE B 303 -25.96 2.62 12.36
C ILE B 303 -26.14 2.06 10.96
N ASP B 304 -27.39 1.77 10.59
CA ASP B 304 -27.69 1.22 9.28
C ASP B 304 -27.82 2.33 8.23
N LEU B 305 -27.07 2.22 7.14
CA LEU B 305 -27.10 3.21 6.08
C LEU B 305 -27.72 2.62 4.80
N GLY B 306 -28.48 1.55 4.95
CA GLY B 306 -29.14 0.90 3.82
C GLY B 306 -28.33 -0.24 3.23
N ASP B 307 -27.22 0.10 2.58
CA ASP B 307 -26.33 -0.93 2.02
C ASP B 307 -24.97 -0.96 2.75
N ALA B 308 -24.95 -0.38 3.96
CA ALA B 308 -23.75 -0.36 4.80
C ALA B 308 -24.15 -0.22 6.28
N VAL B 309 -23.34 -0.81 7.17
CA VAL B 309 -23.56 -0.68 8.61
C VAL B 309 -22.28 -0.20 9.31
N ILE B 310 -22.37 0.92 10.00
CA ILE B 310 -21.29 1.33 10.88
C ILE B 310 -21.53 0.74 12.25
N PRO B 311 -20.71 -0.22 12.63
CA PRO B 311 -20.92 -0.97 13.87
C PRO B 311 -20.73 -0.12 15.12
N ARG B 312 -21.42 -0.50 16.19
CA ARG B 312 -21.23 0.11 17.50
C ARG B 312 -19.73 0.09 17.89
N GLY B 313 -19.22 1.23 18.34
CA GLY B 313 -17.84 1.29 18.85
C GLY B 313 -16.81 1.73 17.80
N GLU B 314 -17.23 1.77 16.54
CA GLU B 314 -16.33 2.07 15.44
C GLU B 314 -16.02 3.55 15.37
N GLY B 315 -14.80 3.88 14.93
CA GLY B 315 -14.40 5.26 14.75
C GLY B 315 -14.68 5.78 13.36
N VAL B 316 -15.18 7.02 13.29
CA VAL B 316 -15.64 7.66 12.05
C VAL B 316 -14.99 9.03 11.89
N VAL B 317 -14.27 9.20 10.79
CA VAL B 317 -13.55 10.42 10.49
C VAL B 317 -14.28 11.20 9.36
N MET B 318 -14.34 12.51 9.48
CA MET B 318 -14.86 13.35 8.37
C MET B 318 -13.71 13.85 7.50
N SER B 319 -13.63 13.32 6.28
CA SER B 319 -12.56 13.68 5.36
C SER B 319 -12.99 14.89 4.54
N TYR B 320 -12.95 16.04 5.22
CA TYR B 320 -13.46 17.31 4.69
C TYR B 320 -12.83 17.79 3.37
N ARG B 321 -11.54 17.53 3.18
CA ARG B 321 -10.91 17.89 1.92
C ARG B 321 -11.50 17.08 0.79
N ALA B 322 -11.52 15.75 0.94
CA ALA B 322 -12.19 14.87 -0.01
C ALA B 322 -13.63 15.36 -0.26
N ILE B 323 -14.31 15.76 0.82
CA ILE B 323 -15.70 16.17 0.73
C ILE B 323 -15.87 17.44 -0.10
N GLY B 324 -14.92 18.36 0.02
CA GLY B 324 -14.94 19.59 -0.80
C GLY B 324 -14.79 19.34 -2.31
N ARG B 325 -14.28 18.16 -2.66
CA ARG B 325 -14.07 17.76 -4.07
C ARG B 325 -15.21 16.87 -4.60
N ASP B 326 -16.34 16.86 -3.88
CA ASP B 326 -17.50 16.04 -4.25
C ASP B 326 -18.03 16.46 -5.63
N ILE B 327 -17.92 15.56 -6.59
CA ILE B 327 -18.33 15.85 -7.96
C ILE B 327 -19.86 15.88 -8.12
N THR B 328 -20.55 15.08 -7.30
CA THR B 328 -22.03 15.10 -7.30
C THR B 328 -22.55 16.48 -6.97
N VAL B 329 -21.91 17.15 -6.03
CA VAL B 329 -22.38 18.46 -5.58
C VAL B 329 -21.83 19.57 -6.46
N HIS B 330 -20.55 19.47 -6.85
CA HIS B 330 -19.85 20.60 -7.49
C HIS B 330 -19.65 20.45 -8.97
N GLY B 331 -19.96 19.28 -9.49
CA GLY B 331 -19.85 19.04 -10.91
C GLY B 331 -18.49 18.54 -11.33
N ALA B 332 -18.32 18.34 -12.63
CA ALA B 332 -17.18 17.58 -13.16
C ALA B 332 -15.84 18.24 -12.85
N ASP B 333 -15.85 19.57 -12.70
CA ASP B 333 -14.63 20.33 -12.49
C ASP B 333 -14.41 20.63 -10.99
N ALA B 334 -14.88 19.74 -10.12
CA ALA B 334 -14.71 19.89 -8.67
C ALA B 334 -13.26 20.09 -8.30
N ASP B 335 -12.35 19.50 -9.06
CA ASP B 335 -10.92 19.54 -8.70
C ASP B 335 -10.25 20.85 -9.18
N ASP B 336 -11.01 21.73 -9.80
CA ASP B 336 -10.50 23.03 -10.26
C ASP B 336 -10.86 24.13 -9.26
N PHE B 337 -9.97 25.09 -9.10
CA PHE B 337 -10.27 26.33 -8.36
C PHE B 337 -11.01 27.32 -9.28
N ASP B 338 -12.25 27.66 -8.93
CA ASP B 338 -13.08 28.56 -9.77
C ASP B 338 -14.04 29.38 -8.93
N ILE B 339 -13.64 30.61 -8.61
CA ILE B 339 -14.39 31.46 -7.69
C ILE B 339 -15.74 31.92 -8.29
N THR B 340 -15.93 31.65 -9.58
CA THR B 340 -17.19 31.98 -10.26
C THR B 340 -18.21 30.83 -10.21
N ARG B 341 -17.81 29.65 -9.73
CA ARG B 341 -18.71 28.48 -9.75
C ARG B 341 -19.94 28.71 -8.87
N ALA B 342 -21.06 28.12 -9.25
CA ALA B 342 -22.33 28.35 -8.57
C ALA B 342 -22.29 27.84 -7.14
N THR B 343 -21.52 26.79 -6.89
CA THR B 343 -21.59 26.07 -5.65
C THR B 343 -20.43 26.44 -4.69
N ALA B 344 -19.78 27.58 -4.97
CA ALA B 344 -18.57 27.98 -4.22
C ALA B 344 -18.82 28.07 -2.72
N ALA B 345 -20.00 28.54 -2.34
CA ALA B 345 -20.32 28.76 -0.94
C ALA B 345 -21.19 27.64 -0.37
N ARG B 346 -21.34 26.54 -1.12
CA ARG B 346 -22.20 25.46 -0.69
C ARG B 346 -21.42 24.32 0.00
N HIS B 347 -20.17 24.59 0.37
CA HIS B 347 -19.32 23.60 1.04
C HIS B 347 -19.70 23.42 2.51
N ILE B 348 -19.21 22.34 3.16
CA ILE B 348 -19.30 22.20 4.63
C ILE B 348 -17.91 22.15 5.28
N SER B 349 -17.00 23.02 4.81
CA SER B 349 -15.61 22.99 5.27
C SER B 349 -15.46 23.52 6.71
N PHE B 350 -16.53 24.13 7.24
CA PHE B 350 -16.61 24.54 8.65
C PHE B 350 -17.45 23.53 9.47
N GLY B 351 -17.81 22.40 8.85
CA GLY B 351 -18.63 21.40 9.54
C GLY B 351 -20.14 21.59 9.36
N HIS B 352 -20.91 20.81 10.12
CA HIS B 352 -22.37 20.80 10.00
C HIS B 352 -22.93 20.17 11.25
N GLY B 353 -24.10 20.61 11.67
CA GLY B 353 -24.72 20.10 12.88
C GLY B 353 -24.27 20.83 14.15
N PRO B 354 -24.47 20.20 15.32
CA PRO B 354 -24.16 20.81 16.60
C PRO B 354 -22.71 21.31 16.71
N HIS B 355 -21.77 20.60 16.13
CA HIS B 355 -20.36 20.95 16.34
C HIS B 355 -19.81 21.90 15.30
N ILE B 356 -20.71 22.56 14.56
CA ILE B 356 -20.30 23.45 13.48
C ILE B 356 -19.37 24.54 14.04
N CYS B 357 -18.38 24.89 13.26
CA CYS B 357 -17.36 25.82 13.75
C CYS B 357 -18.01 27.08 14.33
N PRO B 358 -17.66 27.45 15.58
CA PRO B 358 -18.20 28.69 16.12
C PRO B 358 -17.43 29.91 15.68
N GLY B 359 -16.26 29.71 15.08
CA GLY B 359 -15.37 30.82 14.71
C GLY B 359 -15.39 31.18 13.22
N ALA B 360 -16.32 30.58 12.48
CA ALA B 360 -16.38 30.79 11.01
C ALA B 360 -16.44 32.28 10.59
N ALA B 361 -17.23 33.10 11.30
CA ALA B 361 -17.31 34.53 10.95
C ALA B 361 -15.97 35.26 11.23
N LEU B 362 -15.27 34.83 12.27
CA LEU B 362 -13.97 35.41 12.57
C LEU B 362 -12.96 34.98 11.52
N ALA B 363 -12.93 33.69 11.20
CA ALA B 363 -12.04 33.15 10.17
C ALA B 363 -12.25 33.90 8.83
N ARG B 364 -13.50 33.98 8.42
CA ARG B 364 -13.87 34.71 7.21
C ARG B 364 -13.46 36.18 7.29
N LEU B 365 -13.65 36.81 8.45
CA LEU B 365 -13.34 38.24 8.61
C LEU B 365 -11.84 38.48 8.52
N GLU B 366 -11.04 37.62 9.14
CA GLU B 366 -9.59 37.79 9.09
C GLU B 366 -9.10 37.71 7.66
N ALA B 367 -9.58 36.70 6.94
CA ALA B 367 -9.21 36.52 5.52
C ALA B 367 -9.67 37.72 4.66
N ALA B 368 -10.89 38.20 4.92
CA ALA B 368 -11.49 39.25 4.10
C ALA B 368 -10.77 40.59 4.30
N ILE B 369 -10.14 40.77 5.45
CA ILE B 369 -9.32 41.96 5.68
C ILE B 369 -7.92 41.73 5.11
N ALA B 370 -7.34 40.59 5.43
CA ALA B 370 -5.92 40.34 5.17
C ALA B 370 -5.62 40.23 3.69
N LEU B 371 -6.48 39.55 2.95
CA LEU B 371 -6.19 39.25 1.57
C LEU B 371 -6.17 40.51 0.67
N PRO B 372 -7.27 41.30 0.66
CA PRO B 372 -7.21 42.51 -0.14
C PRO B 372 -6.14 43.51 0.33
N ALA B 373 -5.88 43.55 1.63
CA ALA B 373 -4.84 44.44 2.13
C ALA B 373 -3.46 44.02 1.58
N LEU B 374 -3.19 42.72 1.53
CA LEU B 374 -1.90 42.20 1.01
C LEU B 374 -1.71 42.58 -0.47
N PHE B 375 -2.73 42.34 -1.27
CA PHE B 375 -2.61 42.51 -2.73
C PHE B 375 -2.68 43.99 -3.15
N THR B 376 -3.43 44.79 -2.40
CA THR B 376 -3.44 46.23 -2.58
C THR B 376 -2.06 46.84 -2.28
N ARG B 377 -1.49 46.46 -1.12
CA ARG B 377 -0.22 46.95 -0.72
C ARG B 377 0.88 46.50 -1.68
N PHE B 378 0.84 45.24 -2.09
CA PHE B 378 1.89 44.66 -2.97
C PHE B 378 1.27 44.10 -4.26
N PRO B 379 0.84 44.98 -5.15
CA PRO B 379 0.08 44.53 -6.32
C PRO B 379 0.85 43.61 -7.27
N HIS B 380 2.19 43.60 -7.18
CA HIS B 380 3.03 42.76 -8.06
C HIS B 380 3.68 41.62 -7.30
N LEU B 381 3.14 41.32 -6.11
CA LEU B 381 3.48 40.10 -5.35
C LEU B 381 3.51 38.88 -6.27
N HIS B 382 4.61 38.13 -6.23
CA HIS B 382 4.71 36.88 -7.01
C HIS B 382 5.56 35.80 -6.34
N PRO B 383 5.35 34.55 -6.74
CA PRO B 383 6.13 33.45 -6.19
C PRO B 383 7.60 33.49 -6.60
N ALA B 384 8.47 33.20 -5.65
CA ALA B 384 9.92 33.10 -5.92
C ALA B 384 10.29 31.62 -6.02
N LEU B 385 9.27 30.78 -5.84
CA LEU B 385 9.36 29.34 -6.00
C LEU B 385 8.06 28.88 -6.65
N PRO B 386 8.15 28.00 -7.66
CA PRO B 386 6.92 27.49 -8.25
C PRO B 386 5.93 27.07 -7.19
N LEU B 387 4.73 27.62 -7.24
CA LEU B 387 3.74 27.38 -6.20
C LEU B 387 3.53 25.86 -5.98
N ASP B 388 3.55 25.10 -7.07
CA ASP B 388 3.31 23.66 -7.00
C ASP B 388 4.48 22.93 -6.30
N GLN B 389 5.53 23.65 -5.93
CA GLN B 389 6.66 23.05 -5.21
C GLN B 389 6.66 23.39 -3.69
N ILE B 390 5.67 24.17 -3.24
CA ILE B 390 5.45 24.35 -1.81
C ILE B 390 4.94 23.05 -1.20
N PRO B 391 5.72 22.44 -0.28
CA PRO B 391 5.28 21.18 0.31
C PRO B 391 4.40 21.40 1.54
N ASN B 392 3.56 20.42 1.85
CA ASN B 392 2.87 20.40 3.15
C ASN B 392 3.87 19.94 4.20
N LEU B 393 3.76 20.48 5.40
CA LEU B 393 4.37 19.89 6.55
C LEU B 393 3.68 18.56 6.84
N PRO B 394 4.40 17.65 7.52
CA PRO B 394 3.86 16.35 7.90
C PRO B 394 2.84 16.47 9.05
N VAL B 395 1.66 16.94 8.69
CA VAL B 395 0.57 17.09 9.64
C VAL B 395 -0.64 16.45 8.99
N LEU B 396 -1.07 15.34 9.56
CA LEU B 396 -1.93 14.42 8.86
C LEU B 396 -3.33 15.04 8.64
N THR B 397 -3.81 15.79 9.62
CA THR B 397 -5.22 16.22 9.68
C THR B 397 -5.44 17.64 9.19
N GLN B 398 -4.35 18.39 9.04
CA GLN B 398 -4.41 19.82 8.77
C GLN B 398 -3.67 20.11 7.47
N ASN B 399 -4.21 21.05 6.69
CA ASN B 399 -3.61 21.49 5.42
C ASN B 399 -2.55 22.55 5.70
N ASP B 400 -1.41 22.09 6.17
CA ASP B 400 -0.40 22.96 6.77
C ASP B 400 0.76 23.11 5.81
N LEU B 401 0.90 24.31 5.22
CA LEU B 401 1.94 24.56 4.24
C LEU B 401 3.25 24.91 4.95
N SER B 402 4.35 24.50 4.37
CA SER B 402 5.61 24.59 5.06
C SER B 402 6.17 26.02 5.06
N HIS B 403 6.16 26.64 3.89
CA HIS B 403 6.79 27.96 3.67
C HIS B 403 6.40 28.42 2.31
N PHE B 404 6.53 29.71 2.05
CA PHE B 404 5.81 30.33 0.92
C PHE B 404 6.64 31.48 0.40
N PRO B 405 7.68 31.16 -0.37
CA PRO B 405 8.63 32.15 -0.83
C PRO B 405 8.08 33.07 -1.89
N ILE B 406 8.12 34.37 -1.62
CA ILE B 406 7.63 35.38 -2.57
C ILE B 406 8.62 36.49 -2.78
N HIS B 407 8.43 37.23 -3.88
CA HIS B 407 8.99 38.56 -4.04
C HIS B 407 7.86 39.55 -3.98
N LEU B 408 8.11 40.74 -3.43
CA LEU B 408 7.09 41.80 -3.39
C LEU B 408 6.83 42.36 -4.80
N GLY B 409 7.84 42.27 -5.67
CA GLY B 409 7.71 42.71 -7.07
C GLY B 409 7.82 44.22 -7.25
N ARG B 410 7.83 44.66 -8.50
CA ARG B 410 7.86 46.07 -8.84
C ARG B 410 7.33 46.29 -10.26
#